data_8PSH
# 
_entry.id   8PSH 
# 
_audit_conform.dict_name       mmcif_pdbx.dic 
_audit_conform.dict_version    5.392 
_audit_conform.dict_location   http://mmcif.pdb.org/dictionaries/ascii/mmcif_pdbx.dic 
# 
loop_
_database_2.database_id 
_database_2.database_code 
_database_2.pdbx_database_accession 
_database_2.pdbx_DOI 
PDB   8PSH         pdb_00008psh 10.2210/pdb8psh/pdb 
WWPDB D_1000180013 ?            ?                   
# 
loop_
_pdbx_audit_revision_history.ordinal 
_pdbx_audit_revision_history.data_content_type 
_pdbx_audit_revision_history.major_revision 
_pdbx_audit_revision_history.minor_revision 
_pdbx_audit_revision_history.revision_date 
1 'Structure model' 1 0 1998-05-27 
2 'Structure model' 1 1 2008-03-20 
3 'Structure model' 1 2 2011-07-13 
4 'Structure model' 1 3 2022-03-16 
5 'Structure model' 1 4 2024-05-22 
# 
_pdbx_audit_revision_details.ordinal             1 
_pdbx_audit_revision_details.revision_ordinal    1 
_pdbx_audit_revision_details.data_content_type   'Structure model' 
_pdbx_audit_revision_details.provider            repository 
_pdbx_audit_revision_details.type                'Initial release' 
_pdbx_audit_revision_details.description         ? 
_pdbx_audit_revision_details.details             ? 
# 
loop_
_pdbx_audit_revision_group.ordinal 
_pdbx_audit_revision_group.revision_ordinal 
_pdbx_audit_revision_group.data_content_type 
_pdbx_audit_revision_group.group 
1 2 'Structure model' 'Version format compliance' 
2 3 'Structure model' 'Version format compliance' 
3 4 'Structure model' 'Data collection'           
4 4 'Structure model' 'Database references'       
5 4 'Structure model' 'Derived calculations'      
6 4 'Structure model' Other                       
7 5 'Structure model' 'Data collection'           
# 
loop_
_pdbx_audit_revision_category.ordinal 
_pdbx_audit_revision_category.revision_ordinal 
_pdbx_audit_revision_category.data_content_type 
_pdbx_audit_revision_category.category 
1 4 'Structure model' database_2            
2 4 'Structure model' pdbx_database_status  
3 4 'Structure model' pdbx_nmr_software     
4 4 'Structure model' pdbx_struct_assembly  
5 4 'Structure model' pdbx_struct_oper_list 
6 4 'Structure model' struct_conn           
7 4 'Structure model' struct_site           
8 5 'Structure model' chem_comp_atom        
9 5 'Structure model' chem_comp_bond        
# 
loop_
_pdbx_audit_revision_item.ordinal 
_pdbx_audit_revision_item.revision_ordinal 
_pdbx_audit_revision_item.data_content_type 
_pdbx_audit_revision_item.item 
1  4 'Structure model' '_database_2.pdbx_DOI'                
2  4 'Structure model' '_database_2.pdbx_database_accession' 
3  4 'Structure model' '_pdbx_database_status.process_site'  
4  4 'Structure model' '_pdbx_nmr_software.name'             
5  4 'Structure model' '_struct_conn.pdbx_leaving_atom_flag' 
6  4 'Structure model' '_struct_conn.ptnr1_auth_comp_id'     
7  4 'Structure model' '_struct_conn.ptnr1_auth_seq_id'      
8  4 'Structure model' '_struct_conn.ptnr1_label_atom_id'    
9  4 'Structure model' '_struct_conn.ptnr1_label_comp_id'    
10 4 'Structure model' '_struct_conn.ptnr1_label_seq_id'     
11 4 'Structure model' '_struct_conn.ptnr2_auth_comp_id'     
12 4 'Structure model' '_struct_conn.ptnr2_auth_seq_id'      
13 4 'Structure model' '_struct_conn.ptnr2_label_atom_id'    
14 4 'Structure model' '_struct_conn.ptnr2_label_comp_id'    
15 4 'Structure model' '_struct_conn.ptnr2_label_seq_id'     
16 4 'Structure model' '_struct_site.pdbx_auth_asym_id'      
17 4 'Structure model' '_struct_site.pdbx_auth_comp_id'      
18 4 'Structure model' '_struct_site.pdbx_auth_seq_id'       
# 
_pdbx_database_status.status_code                     REL 
_pdbx_database_status.entry_id                        8PSH 
_pdbx_database_status.recvd_initial_deposition_date   1997-10-13 
_pdbx_database_status.deposit_site                    ? 
_pdbx_database_status.process_site                    BNL 
_pdbx_database_status.status_code_sf                  ? 
_pdbx_database_status.status_code_mr                  REL 
_pdbx_database_status.SG_entry                        ? 
_pdbx_database_status.pdb_format_compatible           Y 
_pdbx_database_status.status_code_cs                  ? 
_pdbx_database_status.status_code_nmr_data            ? 
_pdbx_database_status.methods_development_category    ? 
# 
_pdbx_database_related.db_name        PDB 
_pdbx_database_related.db_id          8DRH 
_pdbx_database_related.details        'MINIMIZED AVERAGE STRUCTURE' 
_pdbx_database_related.content_type   unspecified 
# 
loop_
_audit_author.name 
_audit_author.pdbx_ordinal 
'Bachelin, M.' 1 
'Hessler, G.'  2 
'Kurz, G.'     3 
'Hacia, J.G.'  4 
'Dervan, P.B.' 5 
'Kessler, H.'  6 
# 
loop_
_citation.id 
_citation.title 
_citation.journal_abbrev 
_citation.journal_volume 
_citation.page_first 
_citation.page_last 
_citation.year 
_citation.journal_id_ASTM 
_citation.country 
_citation.journal_id_ISSN 
_citation.journal_id_CSD 
_citation.book_publisher 
_citation.pdbx_database_id_PubMed 
_citation.pdbx_database_id_DOI 
primary 'Structure of a Stereoregular Phosphorothioate DNA/RNA Duplex' Nat.Struct.Biol. 5 271 276 1998 NSBIEW US 1072-8368 2024 ? 
9546216 10.1038/nsb0498-271 
1       ?                                                              Thesis           ? ?   ?   1997 ?      GW ?         2170 
'Munchen : Technische Universitat Munchen (Thesis)' ?       ?                   
2       ?                                                              Thesis           ? ?   ?   1995 ?      GW ?         2171 
'Munchen : Technische Universitat Munchen (Thesis)' ?       ?                   
# 
loop_
_citation_author.citation_id 
_citation_author.name 
_citation_author.ordinal 
_citation_author.identifier_ORCID 
primary 'Bachelin, M.' 1 ? 
primary 'Hessler, G.'  2 ? 
primary 'Kurz, G.'     3 ? 
primary 'Hacia, J.G.'  4 ? 
primary 'Dervan, P.B.' 5 ? 
primary 'Kessler, H.'  6 ? 
1       'Bachelin, M.' 7 ? 
2       'Kurz, G.'     8 ? 
# 
loop_
_entity.id 
_entity.type 
_entity.src_method 
_entity.pdbx_description 
_entity.formula_weight 
_entity.pdbx_number_of_molecules 
_entity.pdbx_ec 
_entity.pdbx_mutation 
_entity.pdbx_fragment 
_entity.details 
1 polymer syn 
;DNA (5'-D(*DGP*(SC)P*(GS)P*(PST)P*(SC)P*(AS)P*(GS)P*(GS))-3')
;
2580.090 1 ? ? ? ? 
2 polymer syn 
;RNA (5'-R(*CP*CP*UP*GP*AP*CP*GP*C)-3')
;
2501.553 1 ? ? ? ? 
# 
loop_
_entity_poly.entity_id 
_entity_poly.type 
_entity_poly.nstd_linkage 
_entity_poly.nstd_monomer 
_entity_poly.pdbx_seq_one_letter_code 
_entity_poly.pdbx_seq_one_letter_code_can 
_entity_poly.pdbx_strand_id 
_entity_poly.pdbx_target_identifier 
1 polydeoxyribonucleotide no yes '(DG)(SC)(GS)(PST)(SC)(AS)(GS)(GS)' GCGTCAGG A ? 
2 polyribonucleotide      no no  CCUGACGC                            CCUGACGC B ? 
# 
loop_
_entity_poly_seq.entity_id 
_entity_poly_seq.num 
_entity_poly_seq.mon_id 
_entity_poly_seq.hetero 
1 1 DG  n 
1 2 SC  n 
1 3 GS  n 
1 4 PST n 
1 5 SC  n 
1 6 AS  n 
1 7 GS  n 
1 8 GS  n 
2 1 C   n 
2 2 C   n 
2 3 U   n 
2 4 G   n 
2 5 A   n 
2 6 C   n 
2 7 G   n 
2 8 C   n 
# 
loop_
_chem_comp.id 
_chem_comp.type 
_chem_comp.mon_nstd_flag 
_chem_comp.name 
_chem_comp.pdbx_synonyms 
_chem_comp.formula 
_chem_comp.formula_weight 
A   'RNA linking' y "ADENOSINE-5'-MONOPHOSPHATE"               ? 'C10 H14 N5 O7 P'   347.221 
AS  'DNA linking' n 
;2-DEOXY-ADENOSINE -5'-THIO-MONOPHOSPHATE
;
? 'C10 H14 N5 O5 P S' 347.287 
C   'RNA linking' y "CYTIDINE-5'-MONOPHOSPHATE"                ? 'C9 H14 N3 O8 P'    323.197 
DG  'DNA linking' y "2'-DEOXYGUANOSINE-5'-MONOPHOSPHATE"       ? 'C10 H14 N5 O7 P'   347.221 
G   'RNA linking' y "GUANOSINE-5'-MONOPHOSPHATE"               ? 'C10 H14 N5 O8 P'   363.221 
GS  'DNA linking' n "GUANOSINE-5'-THIO-MONOPHOSPHATE"          ? 'C10 H14 N5 O6 P S' 363.287 
PST 'DNA linking' n "THYMIDINE-5'-THIOPHOSPHATE"               ? 'C10 H15 N2 O7 P S' 338.274 
SC  'DNA linking' n "2-DEOXY-CYTIDINE-5'-THIOPHOSPHORATE"      ? 'C9 H14 N3 O6 P S'  323.263 
U   'RNA linking' y "URIDINE-5'-MONOPHOSPHATE"                 ? 'C9 H13 N2 O9 P'    324.181 
# 
loop_
_pdbx_poly_seq_scheme.asym_id 
_pdbx_poly_seq_scheme.entity_id 
_pdbx_poly_seq_scheme.seq_id 
_pdbx_poly_seq_scheme.mon_id 
_pdbx_poly_seq_scheme.ndb_seq_num 
_pdbx_poly_seq_scheme.pdb_seq_num 
_pdbx_poly_seq_scheme.auth_seq_num 
_pdbx_poly_seq_scheme.pdb_mon_id 
_pdbx_poly_seq_scheme.auth_mon_id 
_pdbx_poly_seq_scheme.pdb_strand_id 
_pdbx_poly_seq_scheme.pdb_ins_code 
_pdbx_poly_seq_scheme.hetero 
A 1 1 DG  1 1  1  DG  G  A . n 
A 1 2 SC  2 2  2  SC  SC A . n 
A 1 3 GS  3 3  3  GS  GS A . n 
A 1 4 PST 4 4  4  PST TS A . n 
A 1 5 SC  5 5  5  SC  SC A . n 
A 1 6 AS  6 6  6  AS  AS A . n 
A 1 7 GS  7 7  7  GS  GS A . n 
A 1 8 GS  8 8  8  GS  GS A . n 
B 2 1 C   1 9  9  C   C  B . n 
B 2 2 C   2 10 10 C   C  B . n 
B 2 3 U   3 11 11 U   U  B . n 
B 2 4 G   4 12 12 G   G  B . n 
B 2 5 A   5 13 13 A   A  B . n 
B 2 6 C   6 14 14 C   C  B . n 
B 2 7 G   7 15 15 G   G  B . n 
B 2 8 C   8 16 16 C   C  B . n 
# 
_cell.entry_id           8PSH 
_cell.length_a           1.000 
_cell.length_b           1.000 
_cell.length_c           1.000 
_cell.angle_alpha        90.00 
_cell.angle_beta         90.00 
_cell.angle_gamma        90.00 
_cell.Z_PDB              1 
_cell.pdbx_unique_axis   ? 
# 
_symmetry.entry_id                         8PSH 
_symmetry.space_group_name_H-M             'P 1' 
_symmetry.pdbx_full_space_group_name_H-M   ? 
_symmetry.cell_setting                     ? 
_symmetry.Int_Tables_number                1 
# 
_exptl.entry_id          8PSH 
_exptl.method            'SOLUTION NMR' 
_exptl.crystals_number   ? 
# 
_struct.entry_id                  8PSH 
_struct.title                     
;HIGH RESOLUTION NMR STRUCTURE OF THE STEREOREGULAR (ALL-RP)-PHOSPHOROTHIOATE-DNA/RNA HYBRID D (G*PS*C*PS*G*PS*T*PS*C*PS*A*PS*G*PS*G)R(CCUGACGC), MINIMIZED AVERAGE STRUCTURE
;
_struct.pdbx_model_details        ? 
_struct.pdbx_CASP_flag            ? 
_struct.pdbx_model_type_details   ? 
# 
_struct_keywords.entry_id        8PSH 
_struct_keywords.pdbx_keywords   'DNA-RNA HYBRID' 
_struct_keywords.text            'OLIGONUCLEOTIDE, DNA-RNA HYBRID, PHOSPHOROTHIOATE, THIONUCLEOTIDE, ANTISENSE' 
# 
loop_
_struct_asym.id 
_struct_asym.pdbx_blank_PDB_chainid_flag 
_struct_asym.pdbx_modified 
_struct_asym.entity_id 
_struct_asym.details 
A N N 1 ? 
B N N 2 ? 
# 
loop_
_struct_ref.id 
_struct_ref.entity_id 
_struct_ref.db_name 
_struct_ref.db_code 
_struct_ref.pdbx_db_accession 
_struct_ref.pdbx_align_begin 
_struct_ref.pdbx_seq_one_letter_code 
_struct_ref.pdbx_db_isoform 
1 1 PDB 8PSH 8PSH ? ? ? 
2 2 PDB 8PSH 8PSH ? ? ? 
# 
loop_
_struct_ref_seq.align_id 
_struct_ref_seq.ref_id 
_struct_ref_seq.pdbx_PDB_id_code 
_struct_ref_seq.pdbx_strand_id 
_struct_ref_seq.seq_align_beg 
_struct_ref_seq.pdbx_seq_align_beg_ins_code 
_struct_ref_seq.seq_align_end 
_struct_ref_seq.pdbx_seq_align_end_ins_code 
_struct_ref_seq.pdbx_db_accession 
_struct_ref_seq.db_align_beg 
_struct_ref_seq.pdbx_db_align_beg_ins_code 
_struct_ref_seq.db_align_end 
_struct_ref_seq.pdbx_db_align_end_ins_code 
_struct_ref_seq.pdbx_auth_seq_align_beg 
_struct_ref_seq.pdbx_auth_seq_align_end 
1 1 8PSH A 1 ? 8 ? 8PSH 1 ? 8  ? 1 8  
2 2 8PSH B 1 ? 8 ? 8PSH 9 ? 16 ? 9 16 
# 
_pdbx_struct_assembly.id                   1 
_pdbx_struct_assembly.details              author_defined_assembly 
_pdbx_struct_assembly.method_details       ? 
_pdbx_struct_assembly.oligomeric_details   dimeric 
_pdbx_struct_assembly.oligomeric_count     2 
# 
_pdbx_struct_assembly_gen.assembly_id       1 
_pdbx_struct_assembly_gen.oper_expression   1 
_pdbx_struct_assembly_gen.asym_id_list      A,B 
# 
_pdbx_struct_oper_list.id                   1 
_pdbx_struct_oper_list.type                 'identity operation' 
_pdbx_struct_oper_list.name                 1_555 
_pdbx_struct_oper_list.symmetry_operation   x,y,z 
_pdbx_struct_oper_list.matrix[1][1]         1.0000000000 
_pdbx_struct_oper_list.matrix[1][2]         0.0000000000 
_pdbx_struct_oper_list.matrix[1][3]         0.0000000000 
_pdbx_struct_oper_list.vector[1]            0.0000000000 
_pdbx_struct_oper_list.matrix[2][1]         0.0000000000 
_pdbx_struct_oper_list.matrix[2][2]         1.0000000000 
_pdbx_struct_oper_list.matrix[2][3]         0.0000000000 
_pdbx_struct_oper_list.vector[2]            0.0000000000 
_pdbx_struct_oper_list.matrix[3][1]         0.0000000000 
_pdbx_struct_oper_list.matrix[3][2]         0.0000000000 
_pdbx_struct_oper_list.matrix[3][3]         1.0000000000 
_pdbx_struct_oper_list.vector[3]            0.0000000000 
# 
_struct_biol.id        1 
_struct_biol.details   ? 
# 
loop_
_struct_conn.id 
_struct_conn.conn_type_id 
_struct_conn.pdbx_leaving_atom_flag 
_struct_conn.pdbx_PDB_id 
_struct_conn.ptnr1_label_asym_id 
_struct_conn.ptnr1_label_comp_id 
_struct_conn.ptnr1_label_seq_id 
_struct_conn.ptnr1_label_atom_id 
_struct_conn.pdbx_ptnr1_label_alt_id 
_struct_conn.pdbx_ptnr1_PDB_ins_code 
_struct_conn.pdbx_ptnr1_standard_comp_id 
_struct_conn.ptnr1_symmetry 
_struct_conn.ptnr2_label_asym_id 
_struct_conn.ptnr2_label_comp_id 
_struct_conn.ptnr2_label_seq_id 
_struct_conn.ptnr2_label_atom_id 
_struct_conn.pdbx_ptnr2_label_alt_id 
_struct_conn.pdbx_ptnr2_PDB_ins_code 
_struct_conn.ptnr1_auth_asym_id 
_struct_conn.ptnr1_auth_comp_id 
_struct_conn.ptnr1_auth_seq_id 
_struct_conn.ptnr2_auth_asym_id 
_struct_conn.ptnr2_auth_comp_id 
_struct_conn.ptnr2_auth_seq_id 
_struct_conn.ptnr2_symmetry 
_struct_conn.pdbx_ptnr3_label_atom_id 
_struct_conn.pdbx_ptnr3_label_seq_id 
_struct_conn.pdbx_ptnr3_label_comp_id 
_struct_conn.pdbx_ptnr3_label_asym_id 
_struct_conn.pdbx_ptnr3_label_alt_id 
_struct_conn.pdbx_ptnr3_PDB_ins_code 
_struct_conn.details 
_struct_conn.pdbx_dist_value 
_struct_conn.pdbx_value_order 
_struct_conn.pdbx_role 
covale1  covale both ? A DG  1 "O3'" ? ? ? 1_555 A SC  2 P  ? ? A DG  1 A SC  2  1_555 ? ? ? ? ? ? ?            1.618 ? ? 
covale2  covale both ? A SC  2 "O3'" ? ? ? 1_555 A GS  3 P  ? ? A SC  2 A GS  3  1_555 ? ? ? ? ? ? ?            1.618 ? ? 
covale3  covale both ? A GS  3 "O3'" ? ? ? 1_555 A PST 4 P  ? ? A GS  3 A PST 4  1_555 ? ? ? ? ? ? ?            1.623 ? ? 
covale4  covale both ? A PST 4 "O3'" ? ? ? 1_555 A SC  5 P  ? ? A PST 4 A SC  5  1_555 ? ? ? ? ? ? ?            1.622 ? ? 
covale5  covale both ? A SC  5 "O3'" ? ? ? 1_555 A AS  6 P  ? ? A SC  5 A AS  6  1_555 ? ? ? ? ? ? ?            1.623 ? ? 
covale6  covale both ? A AS  6 "O3'" ? ? ? 1_555 A GS  7 P  ? ? A AS  6 A GS  7  1_555 ? ? ? ? ? ? ?            1.627 ? ? 
covale7  covale both ? A GS  7 "O3'" ? ? ? 1_555 A GS  8 P  ? ? A GS  7 A GS  8  1_555 ? ? ? ? ? ? ?            1.622 ? ? 
hydrog1  hydrog ?    ? A DG  1 N1    ? ? ? 1_555 B C   8 N3 ? ? A DG  1 B C   16 1_555 ? ? ? ? ? ? WATSON-CRICK ?     ? ? 
hydrog2  hydrog ?    ? A DG  1 N2    ? ? ? 1_555 B C   8 O2 ? ? A DG  1 B C   16 1_555 ? ? ? ? ? ? WATSON-CRICK ?     ? ? 
hydrog3  hydrog ?    ? A DG  1 O6    ? ? ? 1_555 B C   8 N4 ? ? A DG  1 B C   16 1_555 ? ? ? ? ? ? WATSON-CRICK ?     ? ? 
hydrog4  hydrog ?    ? A SC  2 N3    ? ? ? 1_555 B G   7 N1 ? ? A SC  2 B G   15 1_555 ? ? ? ? ? ? WATSON-CRICK ?     ? ? 
hydrog5  hydrog ?    ? A SC  2 N4    ? ? ? 1_555 B G   7 O6 ? ? A SC  2 B G   15 1_555 ? ? ? ? ? ? WATSON-CRICK ?     ? ? 
hydrog6  hydrog ?    ? A SC  2 O2    ? ? ? 1_555 B G   7 N2 ? ? A SC  2 B G   15 1_555 ? ? ? ? ? ? WATSON-CRICK ?     ? ? 
hydrog7  hydrog ?    ? A GS  3 N1    ? ? ? 1_555 B C   6 N3 ? ? A GS  3 B C   14 1_555 ? ? ? ? ? ? WATSON-CRICK ?     ? ? 
hydrog8  hydrog ?    ? A GS  3 N2    ? ? ? 1_555 B C   6 O2 ? ? A GS  3 B C   14 1_555 ? ? ? ? ? ? WATSON-CRICK ?     ? ? 
hydrog9  hydrog ?    ? A GS  3 O6    ? ? ? 1_555 B C   6 N4 ? ? A GS  3 B C   14 1_555 ? ? ? ? ? ? WATSON-CRICK ?     ? ? 
hydrog10 hydrog ?    ? A PST 4 N3    ? ? ? 1_555 B A   5 N1 ? ? A PST 4 B A   13 1_555 ? ? ? ? ? ? WATSON-CRICK ?     ? ? 
hydrog11 hydrog ?    ? A PST 4 O4    ? ? ? 1_555 B A   5 N6 ? ? A PST 4 B A   13 1_555 ? ? ? ? ? ? WATSON-CRICK ?     ? ? 
hydrog12 hydrog ?    ? A SC  5 N3    ? ? ? 1_555 B G   4 N1 ? ? A SC  5 B G   12 1_555 ? ? ? ? ? ? WATSON-CRICK ?     ? ? 
hydrog13 hydrog ?    ? A SC  5 N4    ? ? ? 1_555 B G   4 O6 ? ? A SC  5 B G   12 1_555 ? ? ? ? ? ? WATSON-CRICK ?     ? ? 
hydrog14 hydrog ?    ? A SC  5 O2    ? ? ? 1_555 B G   4 N2 ? ? A SC  5 B G   12 1_555 ? ? ? ? ? ? WATSON-CRICK ?     ? ? 
hydrog15 hydrog ?    ? A AS  6 N1    ? ? ? 1_555 B U   3 N3 ? ? A AS  6 B U   11 1_555 ? ? ? ? ? ? WATSON-CRICK ?     ? ? 
hydrog16 hydrog ?    ? A AS  6 N6    ? ? ? 1_555 B U   3 O4 ? ? A AS  6 B U   11 1_555 ? ? ? ? ? ? WATSON-CRICK ?     ? ? 
hydrog17 hydrog ?    ? A GS  7 N1    ? ? ? 1_555 B C   2 N3 ? ? A GS  7 B C   10 1_555 ? ? ? ? ? ? WATSON-CRICK ?     ? ? 
hydrog18 hydrog ?    ? A GS  7 N2    ? ? ? 1_555 B C   2 O2 ? ? A GS  7 B C   10 1_555 ? ? ? ? ? ? WATSON-CRICK ?     ? ? 
hydrog19 hydrog ?    ? A GS  7 O6    ? ? ? 1_555 B C   2 N4 ? ? A GS  7 B C   10 1_555 ? ? ? ? ? ? WATSON-CRICK ?     ? ? 
hydrog20 hydrog ?    ? A GS  8 N1    ? ? ? 1_555 B C   1 N3 ? ? A GS  8 B C   9  1_555 ? ? ? ? ? ? WATSON-CRICK ?     ? ? 
hydrog21 hydrog ?    ? A GS  8 N2    ? ? ? 1_555 B C   1 O2 ? ? A GS  8 B C   9  1_555 ? ? ? ? ? ? WATSON-CRICK ?     ? ? 
hydrog22 hydrog ?    ? A GS  8 O6    ? ? ? 1_555 B C   1 N4 ? ? A GS  8 B C   9  1_555 ? ? ? ? ? ? WATSON-CRICK ?     ? ? 
# 
loop_
_struct_conn_type.id 
_struct_conn_type.criteria 
_struct_conn_type.reference 
covale ? ? 
hydrog ? ? 
# 
loop_
_struct_site.id 
_struct_site.pdbx_evidence_code 
_struct_site.pdbx_auth_asym_id 
_struct_site.pdbx_auth_comp_id 
_struct_site.pdbx_auth_seq_id 
_struct_site.pdbx_auth_ins_code 
_struct_site.pdbx_num_residues 
_struct_site.details 
AC1 Software A AS  6 ? 4 'BINDING SITE FOR RESIDUE AS A 6'  
AC2 Software A DG  1 ? 2 'BINDING SITE FOR RESIDUE DG A 1'  
AC3 Software A GS  3 ? 5 'BINDING SITE FOR RESIDUE GS A 3'  
AC4 Software A GS  7 ? 4 'BINDING SITE FOR RESIDUE GS A 7'  
AC5 Software A GS  8 ? 3 'BINDING SITE FOR RESIDUE GS A 8'  
AC6 Software A PST 4 ? 3 'BINDING SITE FOR RESIDUE PST A 4' 
AC7 Software A SC  2 ? 3 'BINDING SITE FOR RESIDUE SC A 2'  
AC8 Software A SC  5 ? 4 'BINDING SITE FOR RESIDUE SC A 5'  
# 
loop_
_struct_site_gen.id 
_struct_site_gen.site_id 
_struct_site_gen.pdbx_num_res 
_struct_site_gen.label_comp_id 
_struct_site_gen.label_asym_id 
_struct_site_gen.label_seq_id 
_struct_site_gen.pdbx_auth_ins_code 
_struct_site_gen.auth_comp_id 
_struct_site_gen.auth_asym_id 
_struct_site_gen.auth_seq_id 
_struct_site_gen.label_atom_id 
_struct_site_gen.label_alt_id 
_struct_site_gen.symmetry 
_struct_site_gen.details 
1  AC1 4 SC  A 5 ? SC  A 5  . ? 1_555 ? 
2  AC1 4 GS  A 7 ? GS  A 7  . ? 1_555 ? 
3  AC1 4 U   B 3 ? U   B 11 . ? 1_555 ? 
4  AC1 4 G   B 4 ? G   B 12 . ? 1_555 ? 
5  AC2 2 SC  A 2 ? SC  A 2  . ? 1_555 ? 
6  AC2 2 C   B 8 ? C   B 16 . ? 1_555 ? 
7  AC3 5 SC  A 2 ? SC  A 2  . ? 1_555 ? 
8  AC3 5 PST A 4 ? PST A 4  . ? 1_555 ? 
9  AC3 5 A   B 5 ? A   B 13 . ? 1_555 ? 
10 AC3 5 C   B 6 ? C   B 14 . ? 1_555 ? 
11 AC3 5 G   B 7 ? G   B 15 . ? 1_555 ? 
12 AC4 4 AS  A 6 ? AS  A 6  . ? 1_555 ? 
13 AC4 4 GS  A 8 ? GS  A 8  . ? 1_555 ? 
14 AC4 4 C   B 2 ? C   B 10 . ? 1_555 ? 
15 AC4 4 U   B 3 ? U   B 11 . ? 1_555 ? 
16 AC5 3 GS  A 7 ? GS  A 7  . ? 1_555 ? 
17 AC5 3 C   B 1 ? C   B 9  . ? 1_555 ? 
18 AC5 3 C   B 2 ? C   B 10 . ? 1_555 ? 
19 AC6 3 GS  A 3 ? GS  A 3  . ? 1_555 ? 
20 AC6 3 SC  A 5 ? SC  A 5  . ? 1_555 ? 
21 AC6 3 A   B 5 ? A   B 13 . ? 1_555 ? 
22 AC7 3 DG  A 1 ? DG  A 1  . ? 1_555 ? 
23 AC7 3 GS  A 3 ? GS  A 3  . ? 1_555 ? 
24 AC7 3 G   B 7 ? G   B 15 . ? 1_555 ? 
25 AC8 4 PST A 4 ? PST A 4  . ? 1_555 ? 
26 AC8 4 AS  A 6 ? AS  A 6  . ? 1_555 ? 
27 AC8 4 G   B 4 ? G   B 12 . ? 1_555 ? 
28 AC8 4 A   B 5 ? A   B 13 . ? 1_555 ? 
# 
_pdbx_validate_rmsd_angle.id                         1 
_pdbx_validate_rmsd_angle.PDB_model_num              1 
_pdbx_validate_rmsd_angle.auth_atom_id_1             "O4'" 
_pdbx_validate_rmsd_angle.auth_asym_id_1             A 
_pdbx_validate_rmsd_angle.auth_comp_id_1             DG 
_pdbx_validate_rmsd_angle.auth_seq_id_1              1 
_pdbx_validate_rmsd_angle.PDB_ins_code_1             ? 
_pdbx_validate_rmsd_angle.label_alt_id_1             ? 
_pdbx_validate_rmsd_angle.auth_atom_id_2             "C1'" 
_pdbx_validate_rmsd_angle.auth_asym_id_2             A 
_pdbx_validate_rmsd_angle.auth_comp_id_2             DG 
_pdbx_validate_rmsd_angle.auth_seq_id_2              1 
_pdbx_validate_rmsd_angle.PDB_ins_code_2             ? 
_pdbx_validate_rmsd_angle.label_alt_id_2             ? 
_pdbx_validate_rmsd_angle.auth_atom_id_3             N9 
_pdbx_validate_rmsd_angle.auth_asym_id_3             A 
_pdbx_validate_rmsd_angle.auth_comp_id_3             DG 
_pdbx_validate_rmsd_angle.auth_seq_id_3              1 
_pdbx_validate_rmsd_angle.PDB_ins_code_3             ? 
_pdbx_validate_rmsd_angle.label_alt_id_3             ? 
_pdbx_validate_rmsd_angle.angle_value                110.32 
_pdbx_validate_rmsd_angle.angle_target_value         108.30 
_pdbx_validate_rmsd_angle.angle_deviation            2.02 
_pdbx_validate_rmsd_angle.angle_standard_deviation   0.30 
_pdbx_validate_rmsd_angle.linker_flag                N 
# 
loop_
_pdbx_validate_planes.id 
_pdbx_validate_planes.PDB_model_num 
_pdbx_validate_planes.auth_comp_id 
_pdbx_validate_planes.auth_asym_id 
_pdbx_validate_planes.auth_seq_id 
_pdbx_validate_planes.PDB_ins_code 
_pdbx_validate_planes.label_alt_id 
_pdbx_validate_planes.rmsd 
_pdbx_validate_planes.type 
1 1 A B 13 ? ? 0.080 'SIDE CHAIN' 
2 1 G B 15 ? ? 0.087 'SIDE CHAIN' 
# 
loop_
_pdbx_struct_mod_residue.id 
_pdbx_struct_mod_residue.label_asym_id 
_pdbx_struct_mod_residue.label_comp_id 
_pdbx_struct_mod_residue.label_seq_id 
_pdbx_struct_mod_residue.auth_asym_id 
_pdbx_struct_mod_residue.auth_comp_id 
_pdbx_struct_mod_residue.auth_seq_id 
_pdbx_struct_mod_residue.PDB_ins_code 
_pdbx_struct_mod_residue.parent_comp_id 
_pdbx_struct_mod_residue.details 
1 A SC  2 A SC  2 ? DC "2-DEOXY-CYTIDINE-5'-THIOPHOSPHORATE" 
2 A GS  3 A GS  3 ? DG "GUANOSINE-5'-THIO-MONOPHOSPHATE"     
3 A PST 4 A PST 4 ? DT "THYMIDINE-5'-THIOPHOSPHATE"          
4 A SC  5 A SC  5 ? DC "2-DEOXY-CYTIDINE-5'-THIOPHOSPHORATE" 
5 A AS  6 A AS  6 ? DA ?                                     
6 A GS  7 A GS  7 ? DG "GUANOSINE-5'-THIO-MONOPHOSPHATE"     
7 A GS  8 A GS  8 ? DG "GUANOSINE-5'-THIO-MONOPHOSPHATE"     
# 
_pdbx_nmr_ensemble.entry_id                                      8PSH 
_pdbx_nmr_ensemble.conformers_calculated_total_number            50 
_pdbx_nmr_ensemble.conformers_submitted_total_number             1 
_pdbx_nmr_ensemble.conformer_selection_criteria                  'AVERAGE OF ALL STRUCTURES' 
_pdbx_nmr_ensemble.average_constraints_per_residue               ? 
_pdbx_nmr_ensemble.average_constraint_violations_per_residue     ? 
_pdbx_nmr_ensemble.maximum_distance_constraint_violation         ? 
_pdbx_nmr_ensemble.average_distance_constraint_violation         ? 
_pdbx_nmr_ensemble.maximum_upper_distance_constraint_violation   ? 
_pdbx_nmr_ensemble.maximum_lower_distance_constraint_violation   ? 
_pdbx_nmr_ensemble.distance_constraint_violation_method          ? 
_pdbx_nmr_ensemble.maximum_torsion_angle_constraint_violation    ? 
_pdbx_nmr_ensemble.average_torsion_angle_constraint_violation    ? 
_pdbx_nmr_ensemble.torsion_angle_constraint_violation_method     ? 
# 
_pdbx_nmr_exptl_sample_conditions.conditions_id       1 
_pdbx_nmr_exptl_sample_conditions.temperature         295 
_pdbx_nmr_exptl_sample_conditions.pressure            ? 
_pdbx_nmr_exptl_sample_conditions.pH                  7.0 
_pdbx_nmr_exptl_sample_conditions.ionic_strength      ? 
_pdbx_nmr_exptl_sample_conditions.pressure_units      . 
_pdbx_nmr_exptl_sample_conditions.temperature_units   K 
# 
loop_
_pdbx_nmr_exptl.experiment_id 
_pdbx_nmr_exptl.conditions_id 
_pdbx_nmr_exptl.type 
_pdbx_nmr_exptl.solution_id 
1 1 NOESY      1 
2 1 P.E.COSY   1 
3 1 TOCSY      1 
4 1 'P-H COSY' 1 
# 
_pdbx_nmr_refine.entry_id           8PSH 
_pdbx_nmr_refine.method             'simulated annealing' 
_pdbx_nmr_refine.details            ? 
_pdbx_nmr_refine.software_ordinal   1 
# 
loop_
_pdbx_nmr_software.classification 
_pdbx_nmr_software.name 
_pdbx_nmr_software.version 
_pdbx_nmr_software.authors 
_pdbx_nmr_software.ordinal 
refinement           Discover         2.97  MSI 1 
'structure solution' 'BRUKER UXNMR'   UXNMR ?   2 
'structure solution' 'TRIAD SYBYL'    SYBYL ?   3 
'structure solution' MARDIGRAS        ?     ?   4 
'structure solution' 'MSI INSIGHT II' II    ?   5 
# 
loop_
_chem_comp_atom.comp_id 
_chem_comp_atom.atom_id 
_chem_comp_atom.type_symbol 
_chem_comp_atom.pdbx_aromatic_flag 
_chem_comp_atom.pdbx_stereo_config 
_chem_comp_atom.pdbx_ordinal 
A   OP3    O N N 1   
A   P      P N N 2   
A   OP1    O N N 3   
A   OP2    O N N 4   
A   "O5'"  O N N 5   
A   "C5'"  C N N 6   
A   "C4'"  C N R 7   
A   "O4'"  O N N 8   
A   "C3'"  C N S 9   
A   "O3'"  O N N 10  
A   "C2'"  C N R 11  
A   "O2'"  O N N 12  
A   "C1'"  C N R 13  
A   N9     N Y N 14  
A   C8     C Y N 15  
A   N7     N Y N 16  
A   C5     C Y N 17  
A   C6     C Y N 18  
A   N6     N N N 19  
A   N1     N Y N 20  
A   C2     C Y N 21  
A   N3     N Y N 22  
A   C4     C Y N 23  
A   HOP3   H N N 24  
A   HOP2   H N N 25  
A   "H5'"  H N N 26  
A   "H5''" H N N 27  
A   "H4'"  H N N 28  
A   "H3'"  H N N 29  
A   "HO3'" H N N 30  
A   "H2'"  H N N 31  
A   "HO2'" H N N 32  
A   "H1'"  H N N 33  
A   H8     H N N 34  
A   H61    H N N 35  
A   H62    H N N 36  
A   H2     H N N 37  
AS  P      P N N 38  
AS  OP1    O N N 39  
AS  S2P    S N N 40  
AS  OP3    O N N 41  
AS  "O5'"  O N N 42  
AS  "C5'"  C N N 43  
AS  "C4'"  C N R 44  
AS  "O4'"  O N N 45  
AS  "C3'"  C N S 46  
AS  "O3'"  O N N 47  
AS  "C2'"  C N N 48  
AS  "C1'"  C N R 49  
AS  N9     N Y N 50  
AS  C8     C Y N 51  
AS  N7     N Y N 52  
AS  C5     C Y N 53  
AS  C6     C Y N 54  
AS  N6     N N N 55  
AS  N1     N Y N 56  
AS  C2     C Y N 57  
AS  N3     N Y N 58  
AS  C4     C Y N 59  
AS  HOP1   H N N 60  
AS  HOP3   H N N 61  
AS  "H5'"  H N N 62  
AS  "H5''" H N N 63  
AS  "H4'"  H N N 64  
AS  "H3'"  H N N 65  
AS  "HO3'" H N N 66  
AS  "H2'"  H N N 67  
AS  "H2''" H N N 68  
AS  "H1'"  H N N 69  
AS  H8     H N N 70  
AS  HN61   H N N 71  
AS  HN62   H N N 72  
AS  H2     H N N 73  
C   OP3    O N N 74  
C   P      P N N 75  
C   OP1    O N N 76  
C   OP2    O N N 77  
C   "O5'"  O N N 78  
C   "C5'"  C N N 79  
C   "C4'"  C N R 80  
C   "O4'"  O N N 81  
C   "C3'"  C N S 82  
C   "O3'"  O N N 83  
C   "C2'"  C N R 84  
C   "O2'"  O N N 85  
C   "C1'"  C N R 86  
C   N1     N N N 87  
C   C2     C N N 88  
C   O2     O N N 89  
C   N3     N N N 90  
C   C4     C N N 91  
C   N4     N N N 92  
C   C5     C N N 93  
C   C6     C N N 94  
C   HOP3   H N N 95  
C   HOP2   H N N 96  
C   "H5'"  H N N 97  
C   "H5''" H N N 98  
C   "H4'"  H N N 99  
C   "H3'"  H N N 100 
C   "HO3'" H N N 101 
C   "H2'"  H N N 102 
C   "HO2'" H N N 103 
C   "H1'"  H N N 104 
C   H41    H N N 105 
C   H42    H N N 106 
C   H5     H N N 107 
C   H6     H N N 108 
DG  OP3    O N N 109 
DG  P      P N N 110 
DG  OP1    O N N 111 
DG  OP2    O N N 112 
DG  "O5'"  O N N 113 
DG  "C5'"  C N N 114 
DG  "C4'"  C N R 115 
DG  "O4'"  O N N 116 
DG  "C3'"  C N S 117 
DG  "O3'"  O N N 118 
DG  "C2'"  C N N 119 
DG  "C1'"  C N R 120 
DG  N9     N Y N 121 
DG  C8     C Y N 122 
DG  N7     N Y N 123 
DG  C5     C Y N 124 
DG  C6     C N N 125 
DG  O6     O N N 126 
DG  N1     N N N 127 
DG  C2     C N N 128 
DG  N2     N N N 129 
DG  N3     N N N 130 
DG  C4     C Y N 131 
DG  HOP3   H N N 132 
DG  HOP2   H N N 133 
DG  "H5'"  H N N 134 
DG  "H5''" H N N 135 
DG  "H4'"  H N N 136 
DG  "H3'"  H N N 137 
DG  "HO3'" H N N 138 
DG  "H2'"  H N N 139 
DG  "H2''" H N N 140 
DG  "H1'"  H N N 141 
DG  H8     H N N 142 
DG  H1     H N N 143 
DG  H21    H N N 144 
DG  H22    H N N 145 
G   OP3    O N N 146 
G   P      P N N 147 
G   OP1    O N N 148 
G   OP2    O N N 149 
G   "O5'"  O N N 150 
G   "C5'"  C N N 151 
G   "C4'"  C N R 152 
G   "O4'"  O N N 153 
G   "C3'"  C N S 154 
G   "O3'"  O N N 155 
G   "C2'"  C N R 156 
G   "O2'"  O N N 157 
G   "C1'"  C N R 158 
G   N9     N Y N 159 
G   C8     C Y N 160 
G   N7     N Y N 161 
G   C5     C Y N 162 
G   C6     C N N 163 
G   O6     O N N 164 
G   N1     N N N 165 
G   C2     C N N 166 
G   N2     N N N 167 
G   N3     N N N 168 
G   C4     C Y N 169 
G   HOP3   H N N 170 
G   HOP2   H N N 171 
G   "H5'"  H N N 172 
G   "H5''" H N N 173 
G   "H4'"  H N N 174 
G   "H3'"  H N N 175 
G   "HO3'" H N N 176 
G   "H2'"  H N N 177 
G   "HO2'" H N N 178 
G   "H1'"  H N N 179 
G   H8     H N N 180 
G   H1     H N N 181 
G   H21    H N N 182 
G   H22    H N N 183 
GS  P      P N S 184 
GS  OP1    O N N 185 
GS  S2P    S N N 186 
GS  OP3    O N N 187 
GS  "O5'"  O N N 188 
GS  "C5'"  C N N 189 
GS  "C4'"  C N R 190 
GS  "O4'"  O N N 191 
GS  "C3'"  C N S 192 
GS  "O3'"  O N N 193 
GS  "C2'"  C N N 194 
GS  "C1'"  C N R 195 
GS  N9     N Y N 196 
GS  C8     C Y N 197 
GS  N7     N Y N 198 
GS  C5     C Y N 199 
GS  C6     C N N 200 
GS  O6     O N N 201 
GS  N1     N N N 202 
GS  C2     C N N 203 
GS  N2     N N N 204 
GS  N3     N N N 205 
GS  C4     C Y N 206 
GS  HSP2   H N N 207 
GS  HOP3   H N N 208 
GS  "H5'"  H N N 209 
GS  "H5''" H N N 210 
GS  "H4'"  H N N 211 
GS  "H3'"  H N N 212 
GS  "HO3'" H N N 213 
GS  "H2'"  H N N 214 
GS  "H2''" H N N 215 
GS  "H1'"  H N N 216 
GS  H8     H N N 217 
GS  HN1    H N N 218 
GS  HN21   H N N 219 
GS  HN22   H N N 220 
PST P      P N N 221 
PST OP1    O N N 222 
PST OP2    O N N 223 
PST SP     S N N 224 
PST "O5'"  O N N 225 
PST "C5'"  C N N 226 
PST "C4'"  C N R 227 
PST "O4'"  O N N 228 
PST "C3'"  C N S 229 
PST "O3'"  O N N 230 
PST "C2'"  C N N 231 
PST "C1'"  C N R 232 
PST N1     N N N 233 
PST C2     C N N 234 
PST O2     O N N 235 
PST N3     N N N 236 
PST C4     C N N 237 
PST O4     O N N 238 
PST C5     C N N 239 
PST C5M    C N N 240 
PST C6     C N N 241 
PST HOP1   H N N 242 
PST HOP2   H N N 243 
PST "H5'"  H N N 244 
PST "H5''" H N N 245 
PST "H4'"  H N N 246 
PST "H3'"  H N N 247 
PST HO3    H N N 248 
PST "H2'"  H N N 249 
PST "H2''" H N N 250 
PST "H1'"  H N N 251 
PST HN3    H N N 252 
PST H71    H N N 253 
PST H72    H N N 254 
PST H73    H N N 255 
PST H6     H N N 256 
SC  N1     N N N 257 
SC  C2     C N N 258 
SC  N3     N N N 259 
SC  C4     C N N 260 
SC  C5     C N N 261 
SC  C6     C N N 262 
SC  O2     O N N 263 
SC  N4     N N N 264 
SC  "C1'"  C N R 265 
SC  "C2'"  C N N 266 
SC  "C3'"  C N S 267 
SC  "C4'"  C N R 268 
SC  "O4'"  O N N 269 
SC  "O3'"  O N N 270 
SC  "C5'"  C N N 271 
SC  "O5'"  O N N 272 
SC  P      P N N 273 
SC  OP1    O N N 274 
SC  S2P    S N N 275 
SC  OP3    O N N 276 
SC  H5     H N N 277 
SC  H6     H N N 278 
SC  HN41   H N N 279 
SC  HN42   H N N 280 
SC  "H1'"  H N N 281 
SC  "H2'"  H N N 282 
SC  "H2''" H N N 283 
SC  "H3'"  H N N 284 
SC  "H4'"  H N N 285 
SC  "HO3'" H N N 286 
SC  "H5'"  H N N 287 
SC  "H5''" H N N 288 
SC  HOP1   H N N 289 
SC  HOP3   H N N 290 
U   OP3    O N N 291 
U   P      P N N 292 
U   OP1    O N N 293 
U   OP2    O N N 294 
U   "O5'"  O N N 295 
U   "C5'"  C N N 296 
U   "C4'"  C N R 297 
U   "O4'"  O N N 298 
U   "C3'"  C N S 299 
U   "O3'"  O N N 300 
U   "C2'"  C N R 301 
U   "O2'"  O N N 302 
U   "C1'"  C N R 303 
U   N1     N N N 304 
U   C2     C N N 305 
U   O2     O N N 306 
U   N3     N N N 307 
U   C4     C N N 308 
U   O4     O N N 309 
U   C5     C N N 310 
U   C6     C N N 311 
U   HOP3   H N N 312 
U   HOP2   H N N 313 
U   "H5'"  H N N 314 
U   "H5''" H N N 315 
U   "H4'"  H N N 316 
U   "H3'"  H N N 317 
U   "HO3'" H N N 318 
U   "H2'"  H N N 319 
U   "HO2'" H N N 320 
U   "H1'"  H N N 321 
U   H3     H N N 322 
U   H5     H N N 323 
U   H6     H N N 324 
# 
loop_
_chem_comp_bond.comp_id 
_chem_comp_bond.atom_id_1 
_chem_comp_bond.atom_id_2 
_chem_comp_bond.value_order 
_chem_comp_bond.pdbx_aromatic_flag 
_chem_comp_bond.pdbx_stereo_config 
_chem_comp_bond.pdbx_ordinal 
A   OP3   P      sing N N 1   
A   OP3   HOP3   sing N N 2   
A   P     OP1    doub N N 3   
A   P     OP2    sing N N 4   
A   P     "O5'"  sing N N 5   
A   OP2   HOP2   sing N N 6   
A   "O5'" "C5'"  sing N N 7   
A   "C5'" "C4'"  sing N N 8   
A   "C5'" "H5'"  sing N N 9   
A   "C5'" "H5''" sing N N 10  
A   "C4'" "O4'"  sing N N 11  
A   "C4'" "C3'"  sing N N 12  
A   "C4'" "H4'"  sing N N 13  
A   "O4'" "C1'"  sing N N 14  
A   "C3'" "O3'"  sing N N 15  
A   "C3'" "C2'"  sing N N 16  
A   "C3'" "H3'"  sing N N 17  
A   "O3'" "HO3'" sing N N 18  
A   "C2'" "O2'"  sing N N 19  
A   "C2'" "C1'"  sing N N 20  
A   "C2'" "H2'"  sing N N 21  
A   "O2'" "HO2'" sing N N 22  
A   "C1'" N9     sing N N 23  
A   "C1'" "H1'"  sing N N 24  
A   N9    C8     sing Y N 25  
A   N9    C4     sing Y N 26  
A   C8    N7     doub Y N 27  
A   C8    H8     sing N N 28  
A   N7    C5     sing Y N 29  
A   C5    C6     sing Y N 30  
A   C5    C4     doub Y N 31  
A   C6    N6     sing N N 32  
A   C6    N1     doub Y N 33  
A   N6    H61    sing N N 34  
A   N6    H62    sing N N 35  
A   N1    C2     sing Y N 36  
A   C2    N3     doub Y N 37  
A   C2    H2     sing N N 38  
A   N3    C4     sing Y N 39  
AS  P     OP1    sing N N 40  
AS  P     S2P    doub N N 41  
AS  P     OP3    sing N N 42  
AS  P     "O5'"  sing N N 43  
AS  OP1   HOP1   sing N N 44  
AS  OP3   HOP3   sing N N 45  
AS  "O5'" "C5'"  sing N N 46  
AS  "C5'" "C4'"  sing N N 47  
AS  "C5'" "H5'"  sing N N 48  
AS  "C5'" "H5''" sing N N 49  
AS  "C4'" "O4'"  sing N N 50  
AS  "C4'" "C3'"  sing N N 51  
AS  "C4'" "H4'"  sing N N 52  
AS  "O4'" "C1'"  sing N N 53  
AS  "C3'" "O3'"  sing N N 54  
AS  "C3'" "C2'"  sing N N 55  
AS  "C3'" "H3'"  sing N N 56  
AS  "O3'" "HO3'" sing N N 57  
AS  "C2'" "C1'"  sing N N 58  
AS  "C2'" "H2'"  sing N N 59  
AS  "C2'" "H2''" sing N N 60  
AS  "C1'" N9     sing N N 61  
AS  "C1'" "H1'"  sing N N 62  
AS  N9    C8     sing Y N 63  
AS  N9    C4     sing Y N 64  
AS  C8    N7     doub Y N 65  
AS  C8    H8     sing N N 66  
AS  N7    C5     sing Y N 67  
AS  C5    C6     sing Y N 68  
AS  C5    C4     doub Y N 69  
AS  C6    N6     sing N N 70  
AS  C6    N1     doub Y N 71  
AS  N6    HN61   sing N N 72  
AS  N6    HN62   sing N N 73  
AS  N1    C2     sing Y N 74  
AS  C2    N3     doub Y N 75  
AS  C2    H2     sing N N 76  
AS  N3    C4     sing Y N 77  
C   OP3   P      sing N N 78  
C   OP3   HOP3   sing N N 79  
C   P     OP1    doub N N 80  
C   P     OP2    sing N N 81  
C   P     "O5'"  sing N N 82  
C   OP2   HOP2   sing N N 83  
C   "O5'" "C5'"  sing N N 84  
C   "C5'" "C4'"  sing N N 85  
C   "C5'" "H5'"  sing N N 86  
C   "C5'" "H5''" sing N N 87  
C   "C4'" "O4'"  sing N N 88  
C   "C4'" "C3'"  sing N N 89  
C   "C4'" "H4'"  sing N N 90  
C   "O4'" "C1'"  sing N N 91  
C   "C3'" "O3'"  sing N N 92  
C   "C3'" "C2'"  sing N N 93  
C   "C3'" "H3'"  sing N N 94  
C   "O3'" "HO3'" sing N N 95  
C   "C2'" "O2'"  sing N N 96  
C   "C2'" "C1'"  sing N N 97  
C   "C2'" "H2'"  sing N N 98  
C   "O2'" "HO2'" sing N N 99  
C   "C1'" N1     sing N N 100 
C   "C1'" "H1'"  sing N N 101 
C   N1    C2     sing N N 102 
C   N1    C6     sing N N 103 
C   C2    O2     doub N N 104 
C   C2    N3     sing N N 105 
C   N3    C4     doub N N 106 
C   C4    N4     sing N N 107 
C   C4    C5     sing N N 108 
C   N4    H41    sing N N 109 
C   N4    H42    sing N N 110 
C   C5    C6     doub N N 111 
C   C5    H5     sing N N 112 
C   C6    H6     sing N N 113 
DG  OP3   P      sing N N 114 
DG  OP3   HOP3   sing N N 115 
DG  P     OP1    doub N N 116 
DG  P     OP2    sing N N 117 
DG  P     "O5'"  sing N N 118 
DG  OP2   HOP2   sing N N 119 
DG  "O5'" "C5'"  sing N N 120 
DG  "C5'" "C4'"  sing N N 121 
DG  "C5'" "H5'"  sing N N 122 
DG  "C5'" "H5''" sing N N 123 
DG  "C4'" "O4'"  sing N N 124 
DG  "C4'" "C3'"  sing N N 125 
DG  "C4'" "H4'"  sing N N 126 
DG  "O4'" "C1'"  sing N N 127 
DG  "C3'" "O3'"  sing N N 128 
DG  "C3'" "C2'"  sing N N 129 
DG  "C3'" "H3'"  sing N N 130 
DG  "O3'" "HO3'" sing N N 131 
DG  "C2'" "C1'"  sing N N 132 
DG  "C2'" "H2'"  sing N N 133 
DG  "C2'" "H2''" sing N N 134 
DG  "C1'" N9     sing N N 135 
DG  "C1'" "H1'"  sing N N 136 
DG  N9    C8     sing Y N 137 
DG  N9    C4     sing Y N 138 
DG  C8    N7     doub Y N 139 
DG  C8    H8     sing N N 140 
DG  N7    C5     sing Y N 141 
DG  C5    C6     sing N N 142 
DG  C5    C4     doub Y N 143 
DG  C6    O6     doub N N 144 
DG  C6    N1     sing N N 145 
DG  N1    C2     sing N N 146 
DG  N1    H1     sing N N 147 
DG  C2    N2     sing N N 148 
DG  C2    N3     doub N N 149 
DG  N2    H21    sing N N 150 
DG  N2    H22    sing N N 151 
DG  N3    C4     sing N N 152 
G   OP3   P      sing N N 153 
G   OP3   HOP3   sing N N 154 
G   P     OP1    doub N N 155 
G   P     OP2    sing N N 156 
G   P     "O5'"  sing N N 157 
G   OP2   HOP2   sing N N 158 
G   "O5'" "C5'"  sing N N 159 
G   "C5'" "C4'"  sing N N 160 
G   "C5'" "H5'"  sing N N 161 
G   "C5'" "H5''" sing N N 162 
G   "C4'" "O4'"  sing N N 163 
G   "C4'" "C3'"  sing N N 164 
G   "C4'" "H4'"  sing N N 165 
G   "O4'" "C1'"  sing N N 166 
G   "C3'" "O3'"  sing N N 167 
G   "C3'" "C2'"  sing N N 168 
G   "C3'" "H3'"  sing N N 169 
G   "O3'" "HO3'" sing N N 170 
G   "C2'" "O2'"  sing N N 171 
G   "C2'" "C1'"  sing N N 172 
G   "C2'" "H2'"  sing N N 173 
G   "O2'" "HO2'" sing N N 174 
G   "C1'" N9     sing N N 175 
G   "C1'" "H1'"  sing N N 176 
G   N9    C8     sing Y N 177 
G   N9    C4     sing Y N 178 
G   C8    N7     doub Y N 179 
G   C8    H8     sing N N 180 
G   N7    C5     sing Y N 181 
G   C5    C6     sing N N 182 
G   C5    C4     doub Y N 183 
G   C6    O6     doub N N 184 
G   C6    N1     sing N N 185 
G   N1    C2     sing N N 186 
G   N1    H1     sing N N 187 
G   C2    N2     sing N N 188 
G   C2    N3     doub N N 189 
G   N2    H21    sing N N 190 
G   N2    H22    sing N N 191 
G   N3    C4     sing N N 192 
GS  P     OP1    doub N N 193 
GS  P     S2P    sing N N 194 
GS  P     OP3    sing N N 195 
GS  P     "O5'"  sing N N 196 
GS  S2P   HSP2   sing N N 197 
GS  OP3   HOP3   sing N N 198 
GS  "O5'" "C5'"  sing N N 199 
GS  "C5'" "C4'"  sing N N 200 
GS  "C5'" "H5'"  sing N N 201 
GS  "C5'" "H5''" sing N N 202 
GS  "C4'" "O4'"  sing N N 203 
GS  "C4'" "C3'"  sing N N 204 
GS  "C4'" "H4'"  sing N N 205 
GS  "O4'" "C1'"  sing N N 206 
GS  "C3'" "O3'"  sing N N 207 
GS  "C3'" "C2'"  sing N N 208 
GS  "C3'" "H3'"  sing N N 209 
GS  "O3'" "HO3'" sing N N 210 
GS  "C2'" "C1'"  sing N N 211 
GS  "C2'" "H2'"  sing N N 212 
GS  "C2'" "H2''" sing N N 213 
GS  "C1'" N9     sing N N 214 
GS  "C1'" "H1'"  sing N N 215 
GS  N9    C8     sing Y N 216 
GS  N9    C4     sing Y N 217 
GS  C8    N7     doub Y N 218 
GS  C8    H8     sing N N 219 
GS  N7    C5     sing Y N 220 
GS  C5    C6     sing N N 221 
GS  C5    C4     doub Y N 222 
GS  C6    O6     doub N N 223 
GS  C6    N1     sing N N 224 
GS  N1    C2     sing N N 225 
GS  N1    HN1    sing N N 226 
GS  C2    N2     sing N N 227 
GS  C2    N3     doub N N 228 
GS  N2    HN21   sing N N 229 
GS  N2    HN22   sing N N 230 
GS  N3    C4     sing N N 231 
PST P     OP1    sing N N 232 
PST P     OP2    sing N N 233 
PST P     SP     doub N N 234 
PST P     "O5'"  sing N N 235 
PST OP1   HOP1   sing N N 236 
PST OP2   HOP2   sing N N 237 
PST "O5'" "C5'"  sing N N 238 
PST "C5'" "C4'"  sing N N 239 
PST "C5'" "H5'"  sing N N 240 
PST "C5'" "H5''" sing N N 241 
PST "C4'" "O4'"  sing N N 242 
PST "C4'" "C3'"  sing N N 243 
PST "C4'" "H4'"  sing N N 244 
PST "O4'" "C1'"  sing N N 245 
PST "C3'" "O3'"  sing N N 246 
PST "C3'" "C2'"  sing N N 247 
PST "C3'" "H3'"  sing N N 248 
PST "O3'" HO3    sing N N 249 
PST "C2'" "C1'"  sing N N 250 
PST "C2'" "H2'"  sing N N 251 
PST "C2'" "H2''" sing N N 252 
PST "C1'" N1     sing N N 253 
PST "C1'" "H1'"  sing N N 254 
PST N1    C2     sing N N 255 
PST N1    C6     sing N N 256 
PST C2    O2     doub N N 257 
PST C2    N3     sing N N 258 
PST N3    C4     sing N N 259 
PST N3    HN3    sing N N 260 
PST C4    O4     doub N N 261 
PST C4    C5     sing N N 262 
PST C5    C5M    sing N N 263 
PST C5    C6     doub N N 264 
PST C5M   H71    sing N N 265 
PST C5M   H72    sing N N 266 
PST C5M   H73    sing N N 267 
PST C6    H6     sing N N 268 
SC  N1    C2     sing N N 269 
SC  N1    C6     sing N N 270 
SC  N1    "C1'"  sing N N 271 
SC  C2    N3     sing N N 272 
SC  C2    O2     doub N N 273 
SC  N3    C4     doub N N 274 
SC  C4    C5     sing N N 275 
SC  C4    N4     sing N N 276 
SC  C5    C6     doub N N 277 
SC  C5    H5     sing N N 278 
SC  C6    H6     sing N N 279 
SC  N4    HN41   sing N N 280 
SC  N4    HN42   sing N N 281 
SC  "C1'" "C2'"  sing N N 282 
SC  "C1'" "O4'"  sing N N 283 
SC  "C1'" "H1'"  sing N N 284 
SC  "C2'" "C3'"  sing N N 285 
SC  "C2'" "H2'"  sing N N 286 
SC  "C2'" "H2''" sing N N 287 
SC  "C3'" "C4'"  sing N N 288 
SC  "C3'" "O3'"  sing N N 289 
SC  "C3'" "H3'"  sing N N 290 
SC  "C4'" "O4'"  sing N N 291 
SC  "C4'" "C5'"  sing N N 292 
SC  "C4'" "H4'"  sing N N 293 
SC  "O3'" "HO3'" sing N N 294 
SC  "C5'" "O5'"  sing N N 295 
SC  "C5'" "H5'"  sing N N 296 
SC  "C5'" "H5''" sing N N 297 
SC  "O5'" P      sing N N 298 
SC  P     OP1    sing N N 299 
SC  P     S2P    doub N N 300 
SC  P     OP3    sing N N 301 
SC  OP1   HOP1   sing N N 302 
SC  OP3   HOP3   sing N N 303 
U   OP3   P      sing N N 304 
U   OP3   HOP3   sing N N 305 
U   P     OP1    doub N N 306 
U   P     OP2    sing N N 307 
U   P     "O5'"  sing N N 308 
U   OP2   HOP2   sing N N 309 
U   "O5'" "C5'"  sing N N 310 
U   "C5'" "C4'"  sing N N 311 
U   "C5'" "H5'"  sing N N 312 
U   "C5'" "H5''" sing N N 313 
U   "C4'" "O4'"  sing N N 314 
U   "C4'" "C3'"  sing N N 315 
U   "C4'" "H4'"  sing N N 316 
U   "O4'" "C1'"  sing N N 317 
U   "C3'" "O3'"  sing N N 318 
U   "C3'" "C2'"  sing N N 319 
U   "C3'" "H3'"  sing N N 320 
U   "O3'" "HO3'" sing N N 321 
U   "C2'" "O2'"  sing N N 322 
U   "C2'" "C1'"  sing N N 323 
U   "C2'" "H2'"  sing N N 324 
U   "O2'" "HO2'" sing N N 325 
U   "C1'" N1     sing N N 326 
U   "C1'" "H1'"  sing N N 327 
U   N1    C2     sing N N 328 
U   N1    C6     sing N N 329 
U   C2    O2     doub N N 330 
U   C2    N3     sing N N 331 
U   N3    C4     sing N N 332 
U   N3    H3     sing N N 333 
U   C4    O4     doub N N 334 
U   C4    C5     sing N N 335 
U   C5    C6     doub N N 336 
U   C5    H5     sing N N 337 
U   C6    H6     sing N N 338 
# 
loop_
_ndb_struct_conf_na.entry_id 
_ndb_struct_conf_na.feature 
8PSH 'double helix'        
8PSH 'a-form double helix' 
# 
loop_
_ndb_struct_na_base_pair.model_number 
_ndb_struct_na_base_pair.i_label_asym_id 
_ndb_struct_na_base_pair.i_label_comp_id 
_ndb_struct_na_base_pair.i_label_seq_id 
_ndb_struct_na_base_pair.i_symmetry 
_ndb_struct_na_base_pair.j_label_asym_id 
_ndb_struct_na_base_pair.j_label_comp_id 
_ndb_struct_na_base_pair.j_label_seq_id 
_ndb_struct_na_base_pair.j_symmetry 
_ndb_struct_na_base_pair.shear 
_ndb_struct_na_base_pair.stretch 
_ndb_struct_na_base_pair.stagger 
_ndb_struct_na_base_pair.buckle 
_ndb_struct_na_base_pair.propeller 
_ndb_struct_na_base_pair.opening 
_ndb_struct_na_base_pair.pair_number 
_ndb_struct_na_base_pair.pair_name 
_ndb_struct_na_base_pair.i_auth_asym_id 
_ndb_struct_na_base_pair.i_auth_seq_id 
_ndb_struct_na_base_pair.i_PDB_ins_code 
_ndb_struct_na_base_pair.j_auth_asym_id 
_ndb_struct_na_base_pair.j_auth_seq_id 
_ndb_struct_na_base_pair.j_PDB_ins_code 
_ndb_struct_na_base_pair.hbond_type_28 
_ndb_struct_na_base_pair.hbond_type_12 
1 A DG  1 1_555 B C 8 1_555 -0.385 -0.135 0.336  8.762   1.133   -2.895 1 A_DG1:C16_B  A 1 ? B 16 ? 19 1 
1 A SC  2 1_555 B G 7 1_555 0.142  -0.046 -0.171 12.752  -21.911 0.156  2 A_SC2:G15_B  A 2 ? B 15 ? 19 1 
1 A GS  3 1_555 B C 6 1_555 -0.835 -0.317 0.422  16.030  -12.393 -3.160 3 A_GS3:C14_B  A 3 ? B 14 ? 19 1 
1 A PST 4 1_555 B A 5 1_555 0.592  -0.130 -0.248 22.265  -23.608 1.992  4 A_PST4:A13_B A 4 ? B 13 ? 20 1 
1 A SC  5 1_555 B G 4 1_555 0.042  -0.081 -0.259 4.779   -22.645 -0.643 5 A_SC5:G12_B  A 5 ? B 12 ? 19 1 
1 A AS  6 1_555 B U 3 1_555 0.474  -0.041 0.148  -6.128  -13.764 -2.524 6 A_AS6:U11_B  A 6 ? B 11 ? 20 1 
1 A GS  7 1_555 B C 2 1_555 0.391  -0.097 0.111  -5.005  -19.572 -3.461 7 A_GS7:C10_B  A 7 ? B 10 ? 19 1 
1 A GS  8 1_555 B C 1 1_555 -0.047 -0.105 0.164  -16.565 -24.739 -4.256 8 A_GS8:C9_B   A 8 ? B 9  ? 19 1 
# 
loop_
_ndb_struct_na_base_pair_step.model_number 
_ndb_struct_na_base_pair_step.i_label_asym_id_1 
_ndb_struct_na_base_pair_step.i_label_comp_id_1 
_ndb_struct_na_base_pair_step.i_label_seq_id_1 
_ndb_struct_na_base_pair_step.i_symmetry_1 
_ndb_struct_na_base_pair_step.j_label_asym_id_1 
_ndb_struct_na_base_pair_step.j_label_comp_id_1 
_ndb_struct_na_base_pair_step.j_label_seq_id_1 
_ndb_struct_na_base_pair_step.j_symmetry_1 
_ndb_struct_na_base_pair_step.i_label_asym_id_2 
_ndb_struct_na_base_pair_step.i_label_comp_id_2 
_ndb_struct_na_base_pair_step.i_label_seq_id_2 
_ndb_struct_na_base_pair_step.i_symmetry_2 
_ndb_struct_na_base_pair_step.j_label_asym_id_2 
_ndb_struct_na_base_pair_step.j_label_comp_id_2 
_ndb_struct_na_base_pair_step.j_label_seq_id_2 
_ndb_struct_na_base_pair_step.j_symmetry_2 
_ndb_struct_na_base_pair_step.shift 
_ndb_struct_na_base_pair_step.slide 
_ndb_struct_na_base_pair_step.rise 
_ndb_struct_na_base_pair_step.tilt 
_ndb_struct_na_base_pair_step.roll 
_ndb_struct_na_base_pair_step.twist 
_ndb_struct_na_base_pair_step.x_displacement 
_ndb_struct_na_base_pair_step.y_displacement 
_ndb_struct_na_base_pair_step.helical_rise 
_ndb_struct_na_base_pair_step.inclination 
_ndb_struct_na_base_pair_step.tip 
_ndb_struct_na_base_pair_step.helical_twist 
_ndb_struct_na_base_pair_step.step_number 
_ndb_struct_na_base_pair_step.step_name 
_ndb_struct_na_base_pair_step.i_auth_asym_id_1 
_ndb_struct_na_base_pair_step.i_auth_seq_id_1 
_ndb_struct_na_base_pair_step.i_PDB_ins_code_1 
_ndb_struct_na_base_pair_step.j_auth_asym_id_1 
_ndb_struct_na_base_pair_step.j_auth_seq_id_1 
_ndb_struct_na_base_pair_step.j_PDB_ins_code_1 
_ndb_struct_na_base_pair_step.i_auth_asym_id_2 
_ndb_struct_na_base_pair_step.i_auth_seq_id_2 
_ndb_struct_na_base_pair_step.i_PDB_ins_code_2 
_ndb_struct_na_base_pair_step.j_auth_asym_id_2 
_ndb_struct_na_base_pair_step.j_auth_seq_id_2 
_ndb_struct_na_base_pair_step.j_PDB_ins_code_2 
1 A DG  1 1_555 B C 8 1_555 A SC  2 1_555 B G 7 1_555 -0.118 -0.844 3.123 4.663  3.865  36.791 -1.802 0.765  2.985 6.073  -7.326 
37.269 1 AA_DG1SC2:G15C16_BB  A 1 ? B 16 ? A 2 ? B 15 ? 
1 A SC  2 1_555 B G 7 1_555 A GS  3 1_555 B C 6 1_555 0.029  -1.111 2.916 -5.176 16.827 25.989 -4.598 -0.834 1.838 33.028 10.158 
31.306 2 AA_SC2GS3:C14G15_BB  A 2 ? B 15 ? A 3 ? B 14 ? 
1 A GS  3 1_555 B C 6 1_555 A PST 4 1_555 B A 5 1_555 0.379  -0.710 3.021 4.924  4.477  40.945 -1.442 -0.052 2.955 6.349  -6.983 
41.460 3 AA_GS3PST4:A13C14_BB A 3 ? B 14 ? A 4 ? B 13 ? 
1 A PST 4 1_555 B A 5 1_555 A SC  5 1_555 B G 4 1_555 -0.084 -1.535 3.407 0.969  12.493 32.233 -4.442 0.285  2.645 21.514 -1.669 
34.523 4 AA_PST4SC5:G12A13_BB A 4 ? B 13 ? A 5 ? B 12 ? 
1 A SC  5 1_555 B G 4 1_555 A AS  6 1_555 B U 3 1_555 0.110  -1.586 3.327 -2.966 13.808 30.666 -4.801 -0.632 2.392 24.542 5.272  
33.691 5 AA_SC5AS6:U11G12_BB  A 5 ? B 12 ? A 6 ? B 11 ? 
1 A AS  6 1_555 B U 3 1_555 A GS  7 1_555 B C 2 1_555 -0.400 -1.824 3.085 -0.464 5.984  30.344 -4.454 0.670  2.690 11.293 0.877  
30.919 6 AA_AS6GS7:C10U11_BB  A 6 ? B 11 ? A 7 ? B 10 ? 
1 A GS  7 1_555 B C 2 1_555 A GS  8 1_555 B C 1 1_555 0.067  -1.480 3.316 0.662  7.414  35.631 -3.372 -0.017 2.959 11.956 -1.067 
36.375 7 AA_GS7GS8:C9C10_BB   A 7 ? B 10 ? A 8 ? B 9  ? 
# 
loop_
_pdbx_nmr_spectrometer.spectrometer_id 
_pdbx_nmr_spectrometer.model 
_pdbx_nmr_spectrometer.manufacturer 
_pdbx_nmr_spectrometer.field_strength 
_pdbx_nmr_spectrometer.type 
1 AMX600 Bruker 600 ? 
2 DMX600 Bruker 500 ? 
3 AMX500 Bruker 500 ? 
# 
_atom_sites.entry_id                    8PSH 
_atom_sites.fract_transf_matrix[1][1]   1.000000 
_atom_sites.fract_transf_matrix[1][2]   0.000000 
_atom_sites.fract_transf_matrix[1][3]   0.000000 
_atom_sites.fract_transf_matrix[2][1]   0.000000 
_atom_sites.fract_transf_matrix[2][2]   1.000000 
_atom_sites.fract_transf_matrix[2][3]   0.000000 
_atom_sites.fract_transf_matrix[3][1]   0.000000 
_atom_sites.fract_transf_matrix[3][2]   0.000000 
_atom_sites.fract_transf_matrix[3][3]   1.000000 
_atom_sites.fract_transf_vector[1]      0.00000 
_atom_sites.fract_transf_vector[2]      0.00000 
_atom_sites.fract_transf_vector[3]      0.00000 
# 
loop_
_atom_type.symbol 
C 
H 
N 
O 
P 
S 
# 
loop_
_atom_site.group_PDB 
_atom_site.id 
_atom_site.type_symbol 
_atom_site.label_atom_id 
_atom_site.label_alt_id 
_atom_site.label_comp_id 
_atom_site.label_asym_id 
_atom_site.label_entity_id 
_atom_site.label_seq_id 
_atom_site.pdbx_PDB_ins_code 
_atom_site.Cartn_x 
_atom_site.Cartn_y 
_atom_site.Cartn_z 
_atom_site.occupancy 
_atom_site.B_iso_or_equiv 
_atom_site.pdbx_formal_charge 
_atom_site.auth_seq_id 
_atom_site.auth_comp_id 
_atom_site.auth_asym_id 
_atom_site.auth_atom_id 
_atom_site.pdbx_PDB_model_num 
ATOM   1   O "O5'"  . DG  A 1 1 ? 10.383  -6.031 0.818   1.00 0.00 ? 1  DG  A "O5'"  1 
ATOM   2   C "C5'"  . DG  A 1 1 ? 9.700   -6.496 -0.327  1.00 0.00 ? 1  DG  A "C5'"  1 
ATOM   3   C "C4'"  . DG  A 1 1 ? 10.387  -6.019 -1.613  1.00 0.00 ? 1  DG  A "C4'"  1 
ATOM   4   O "O4'"  . DG  A 1 1 ? 9.690   -6.536 -2.737  1.00 0.00 ? 1  DG  A "O4'"  1 
ATOM   5   C "C3'"  . DG  A 1 1 ? 10.363  -4.494 -1.729  1.00 0.00 ? 1  DG  A "C3'"  1 
ATOM   6   O "O3'"  . DG  A 1 1 ? 11.506  -4.089 -2.463  1.00 0.00 ? 1  DG  A "O3'"  1 
ATOM   7   C "C2'"  . DG  A 1 1 ? 9.054   -4.272 -2.479  1.00 0.00 ? 1  DG  A "C2'"  1 
ATOM   8   C "C1'"  . DG  A 1 1 ? 8.982   -5.495 -3.389  1.00 0.00 ? 1  DG  A "C1'"  1 
ATOM   9   N N9     . DG  A 1 1 ? 7.577   -5.897 -3.625  1.00 0.00 ? 1  DG  A N9     1 
ATOM   10  C C8     . DG  A 1 1 ? 6.725   -6.549 -2.768  1.00 0.00 ? 1  DG  A C8     1 
ATOM   11  N N7     . DG  A 1 1 ? 5.548   -6.795 -3.265  1.00 0.00 ? 1  DG  A N7     1 
ATOM   12  C C5     . DG  A 1 1 ? 5.617   -6.276 -4.551  1.00 0.00 ? 1  DG  A C5     1 
ATOM   13  C C6     . DG  A 1 1 ? 4.634   -6.272 -5.584  1.00 0.00 ? 1  DG  A C6     1 
ATOM   14  O O6     . DG  A 1 1 ? 3.493   -6.720 -5.534  1.00 0.00 ? 1  DG  A O6     1 
ATOM   15  N N1     . DG  A 1 1 ? 5.097   -5.679 -6.756  1.00 0.00 ? 1  DG  A N1     1 
ATOM   16  C C2     . DG  A 1 1 ? 6.361   -5.137 -6.908  1.00 0.00 ? 1  DG  A C2     1 
ATOM   17  N N2     . DG  A 1 1 ? 6.654   -4.591 -8.093  1.00 0.00 ? 1  DG  A N2     1 
ATOM   18  N N3     . DG  A 1 1 ? 7.281   -5.124 -5.929  1.00 0.00 ? 1  DG  A N3     1 
ATOM   19  C C4     . DG  A 1 1 ? 6.852   -5.718 -4.782  1.00 0.00 ? 1  DG  A C4     1 
ATOM   20  H "H5'"  . DG  A 1 1 ? 8.677   -6.128 -0.293  1.00 0.00 ? 1  DG  A "H5'"  1 
ATOM   21  H "H5''" . DG  A 1 1 ? 9.688   -7.586 -0.307  1.00 0.00 ? 1  DG  A "H5''" 1 
ATOM   22  H "H4'"  . DG  A 1 1 ? 11.414  -6.390 -1.620  1.00 0.00 ? 1  DG  A "H4'"  1 
ATOM   23  H "H3'"  . DG  A 1 1 ? 10.344  -4.020 -0.749  1.00 0.00 ? 1  DG  A "H3'"  1 
ATOM   24  H "H2'"  . DG  A 1 1 ? 8.228   -4.280 -1.766  1.00 0.00 ? 1  DG  A "H2'"  1 
ATOM   25  H "H2''" . DG  A 1 1 ? 9.027   -3.352 -3.052  1.00 0.00 ? 1  DG  A "H2''" 1 
ATOM   26  H "H1'"  . DG  A 1 1 ? 9.488   -5.271 -4.330  1.00 0.00 ? 1  DG  A "H1'"  1 
ATOM   27  H H8     . DG  A 1 1 ? 7.002   -6.842 -1.767  1.00 0.00 ? 1  DG  A H8     1 
ATOM   28  H H1     . DG  A 1 1 ? 4.450   -5.647 -7.535  1.00 0.00 ? 1  DG  A H1     1 
ATOM   29  H H21    . DG  A 1 1 ? 5.967   -4.586 -8.835  1.00 0.00 ? 1  DG  A H21    1 
ATOM   30  H H22    . DG  A 1 1 ? 7.557   -4.165 -8.239  1.00 0.00 ? 1  DG  A H22    1 
ATOM   31  H "HO5'" . DG  A 1 1 ? 11.084  -6.649 1.036   1.00 0.00 ? 1  DG  A "HO5'" 1 
HETATM 32  N N1     . SC  A 1 2 ? 6.792   -1.725 -5.373  1.00 0.00 ? 2  SC  A N1     1 
HETATM 33  C C2     . SC  A 1 2 ? 5.689   -2.044 -6.169  1.00 0.00 ? 2  SC  A C2     1 
HETATM 34  N N3     . SC  A 1 2 ? 4.624   -2.672 -5.592  1.00 0.00 ? 2  SC  A N3     1 
HETATM 35  C C4     . SC  A 1 2 ? 4.609   -2.950 -4.280  1.00 0.00 ? 2  SC  A C4     1 
HETATM 36  C C5     . SC  A 1 2 ? 5.699   -2.564 -3.428  1.00 0.00 ? 2  SC  A C5     1 
HETATM 37  C C6     . SC  A 1 2 ? 6.755   -1.955 -4.019  1.00 0.00 ? 2  SC  A C6     1 
HETATM 38  O O2     . SC  A 1 2 ? 5.672   -1.772 -7.366  1.00 0.00 ? 2  SC  A O2     1 
HETATM 39  N N4     . SC  A 1 2 ? 3.563   -3.611 -3.773  1.00 0.00 ? 2  SC  A N4     1 
HETATM 40  C "C1'"  . SC  A 1 2 ? 7.972   -1.072 -6.010  1.00 0.00 ? 2  SC  A "C1'"  1 
HETATM 41  C "C2'"  . SC  A 1 2 ? 8.006   0.425  -5.682  1.00 0.00 ? 2  SC  A "C2'"  1 
HETATM 42  C "C3'"  . SC  A 1 2 ? 9.205   0.569  -4.753  1.00 0.00 ? 2  SC  A "C3'"  1 
HETATM 43  C "C4'"  . SC  A 1 2 ? 10.083  -0.528 -5.335  1.00 0.00 ? 2  SC  A "C4'"  1 
HETATM 44  O "O4'"  . SC  A 1 2 ? 9.194   -1.614 -5.533  1.00 0.00 ? 2  SC  A "O4'"  1 
HETATM 45  O "O3'"  . SC  A 1 2 ? 9.844   1.829  -4.859  1.00 0.00 ? 2  SC  A "O3'"  1 
HETATM 46  C "C5'"  . SC  A 1 2 ? 11.277  -0.877 -4.441  1.00 0.00 ? 2  SC  A "C5'"  1 
HETATM 47  O "O5'"  . SC  A 1 2 ? 10.924  -1.895 -3.532  1.00 0.00 ? 2  SC  A "O5'"  1 
HETATM 48  P P      . SC  A 1 2 ? 12.003  -2.551 -2.534  1.00 0.00 ? 2  SC  A P      1 
HETATM 49  O OP1    . SC  A 1 2 ? 13.319  -2.550 -3.212  1.00 0.00 ? 2  SC  A OP1    1 
HETATM 50  S S2P    . SC  A 1 2 ? 11.769  -1.610 -0.636  1.00 0.00 ? 2  SC  A S2P    1 
HETATM 51  H H5     . SC  A 1 2 ? 5.705   -2.728 -2.361  1.00 0.00 ? 2  SC  A H5     1 
HETATM 52  H H6     . SC  A 1 2 ? 7.581   -1.633 -3.404  1.00 0.00 ? 2  SC  A H6     1 
HETATM 53  H HN41   . SC  A 1 2 ? 3.534   -3.833 -2.789  1.00 0.00 ? 2  SC  A HN41   1 
HETATM 54  H HN42   . SC  A 1 2 ? 2.799   -3.884 -4.375  1.00 0.00 ? 2  SC  A HN42   1 
HETATM 55  H "H1'"  . SC  A 1 2 ? 7.975   -1.192 -7.094  1.00 0.00 ? 2  SC  A "H1'"  1 
HETATM 56  H "H2'"  . SC  A 1 2 ? 7.093   0.765  -5.204  1.00 0.00 ? 2  SC  A "H2'"  1 
HETATM 57  H "H2''" . SC  A 1 2 ? 8.179   0.985  -6.601  1.00 0.00 ? 2  SC  A "H2''" 1 
HETATM 58  H "H3'"  . SC  A 1 2 ? 8.938   0.317  -3.727  1.00 0.00 ? 2  SC  A "H3'"  1 
HETATM 59  H "H4'"  . SC  A 1 2 ? 10.456  -0.194 -6.304  1.00 0.00 ? 2  SC  A "H4'"  1 
HETATM 60  H "H5'"  . SC  A 1 2 ? 12.094  -1.220 -5.076  1.00 0.00 ? 2  SC  A "H5'"  1 
HETATM 61  H "H5''" . SC  A 1 2 ? 11.601  0.008  -3.890  1.00 0.00 ? 2  SC  A "H5''" 1 
HETATM 62  P P      . GS  A 1 3 ? 9.279   3.159  -4.131  1.00 0.00 ? 3  GS  A P      1 
HETATM 63  O OP1    . GS  A 1 3 ? 10.194  4.271  -4.468  1.00 0.00 ? 3  GS  A OP1    1 
HETATM 64  S S2P    . GS  A 1 3 ? 8.862   2.691  -2.095  1.00 0.00 ? 3  GS  A S2P    1 
HETATM 65  O "O5'"  . GS  A 1 3 ? 7.870   3.434  -4.871  1.00 0.00 ? 3  GS  A "O5'"  1 
HETATM 66  C "C5'"  . GS  A 1 3 ? 7.814   4.072  -6.134  1.00 0.00 ? 3  GS  A "C5'"  1 
HETATM 67  C "C4'"  . GS  A 1 3 ? 6.400   3.977  -6.713  1.00 0.00 ? 3  GS  A "C4'"  1 
HETATM 68  O "O4'"  . GS  A 1 3 ? 5.936   2.641  -6.682  1.00 0.00 ? 3  GS  A "O4'"  1 
HETATM 69  C "C3'"  . GS  A 1 3 ? 5.360   4.785  -5.941  1.00 0.00 ? 3  GS  A "C3'"  1 
HETATM 70  O "O3'"  . GS  A 1 3 ? 5.387   6.154  -6.314  1.00 0.00 ? 3  GS  A "O3'"  1 
HETATM 71  C "C2'"  . GS  A 1 3 ? 4.093   4.092  -6.420  1.00 0.00 ? 3  GS  A "C2'"  1 
HETATM 72  C "C1'"  . GS  A 1 3 ? 4.523   2.661  -6.738  1.00 0.00 ? 3  GS  A "C1'"  1 
HETATM 73  N N9     . GS  A 1 3 ? 3.947   1.692  -5.775  1.00 0.00 ? 3  GS  A N9     1 
HETATM 74  C C8     . GS  A 1 3 ? 4.458   1.246  -4.581  1.00 0.00 ? 3  GS  A C8     1 
HETATM 75  N N7     . GS  A 1 3 ? 3.752   0.310  -4.015  1.00 0.00 ? 3  GS  A N7     1 
HETATM 76  C C5     . GS  A 1 3 ? 2.663   0.156  -4.866  1.00 0.00 ? 3  GS  A C5     1 
HETATM 77  C C6     . GS  A 1 3 ? 1.520   -0.689 -4.744  1.00 0.00 ? 3  GS  A C6     1 
HETATM 78  O O6     . GS  A 1 3 ? 1.303   -1.543 -3.892  1.00 0.00 ? 3  GS  A O6     1 
HETATM 79  N N1     . GS  A 1 3 ? 0.575   -0.446 -5.739  1.00 0.00 ? 3  GS  A N1     1 
HETATM 80  C C2     . GS  A 1 3 ? 0.727   0.479  -6.754  1.00 0.00 ? 3  GS  A C2     1 
HETATM 81  N N2     . GS  A 1 3 ? -0.284  0.608  -7.620  1.00 0.00 ? 3  GS  A N2     1 
HETATM 82  N N3     . GS  A 1 3 ? 1.820   1.246  -6.891  1.00 0.00 ? 3  GS  A N3     1 
HETATM 83  C C4     . GS  A 1 3 ? 2.745   1.041  -5.913  1.00 0.00 ? 3  GS  A C4     1 
HETATM 84  H "H5'"  . GS  A 1 3 ? 8.505   3.587  -6.825  1.00 0.00 ? 3  GS  A "H5'"  1 
HETATM 85  H "H5''" . GS  A 1 3 ? 8.091   5.121  -6.028  1.00 0.00 ? 3  GS  A "H5''" 1 
HETATM 86  H "H4'"  . GS  A 1 3 ? 6.409   4.318  -7.750  1.00 0.00 ? 3  GS  A "H4'"  1 
HETATM 87  H "H3'"  . GS  A 1 3 ? 5.496   4.637  -4.868  1.00 0.00 ? 3  GS  A "H3'"  1 
HETATM 88  H "H2'"  . GS  A 1 3 ? 3.327   4.118  -5.656  1.00 0.00 ? 3  GS  A "H2'"  1 
HETATM 89  H "H2''" . GS  A 1 3 ? 3.730   4.559  -7.335  1.00 0.00 ? 3  GS  A "H2''" 1 
HETATM 90  H "H1'"  . GS  A 1 3 ? 4.206   2.407  -7.750  1.00 0.00 ? 3  GS  A "H1'"  1 
HETATM 91  H H8     . GS  A 1 3 ? 5.369   1.624  -4.146  1.00 0.00 ? 3  GS  A H8     1 
HETATM 92  H HN1    . GS  A 1 3 ? -0.278  -0.990 -5.690  1.00 0.00 ? 3  GS  A HN1    1 
HETATM 93  H HN21   . GS  A 1 3 ? -0.215  1.273  -8.376  1.00 0.00 ? 3  GS  A HN21   1 
HETATM 94  H HN22   . GS  A 1 3 ? -1.122  0.054  -7.504  1.00 0.00 ? 3  GS  A HN22   1 
HETATM 95  P P      . PST A 1 4 ? 4.529   7.294  -5.541  1.00 0.00 ? 4  PST A P      1 
HETATM 96  O OP1    . PST A 1 4 ? 4.725   8.570  -6.265  1.00 0.00 ? 4  PST A OP1    1 
HETATM 97  S SP     . PST A 1 4 ? 4.982   7.167  -3.463  1.00 0.00 ? 4  PST A SP     1 
HETATM 98  O "O5'"  . PST A 1 4 ? 2.982   6.854  -5.719  1.00 0.00 ? 4  PST A "O5'"  1 
HETATM 99  C "C5'"  . PST A 1 4 ? 2.246   7.124  -6.900  1.00 0.00 ? 4  PST A "C5'"  1 
HETATM 100 C "C4'"  . PST A 1 4 ? 0.883   6.423  -6.840  1.00 0.00 ? 4  PST A "C4'"  1 
HETATM 101 O "O4'"  . PST A 1 4 ? 1.060   5.031  -6.645  1.00 0.00 ? 4  PST A "O4'"  1 
HETATM 102 C "C3'"  . PST A 1 4 ? -0.024  6.890  -5.699  1.00 0.00 ? 4  PST A "C3'"  1 
HETATM 103 O "O3'"  . PST A 1 4 ? -0.740  8.069  -6.024  1.00 0.00 ? 4  PST A "O3'"  1 
HETATM 104 C "C2'"  . PST A 1 4 ? -0.957  5.691  -5.602  1.00 0.00 ? 4  PST A "C2'"  1 
HETATM 105 C "C1'"  . PST A 1 4 ? -0.068  4.505  -5.964  1.00 0.00 ? 4  PST A "C1'"  1 
HETATM 106 N N1     . PST A 1 4 ? 0.344   3.759  -4.742  1.00 0.00 ? 4  PST A N1     1 
HETATM 107 C C2     . PST A 1 4 ? -0.364  2.607  -4.409  1.00 0.00 ? 4  PST A C2     1 
HETATM 108 O O2     . PST A 1 4 ? -1.396  2.265  -4.981  1.00 0.00 ? 4  PST A O2     1 
HETATM 109 N N3     . PST A 1 4 ? 0.160   1.844  -3.378  1.00 0.00 ? 4  PST A N3     1 
HETATM 110 C C4     . PST A 1 4 ? 1.302   2.124  -2.644  1.00 0.00 ? 4  PST A C4     1 
HETATM 111 O O4     . PST A 1 4 ? 1.691   1.335  -1.788  1.00 0.00 ? 4  PST A O4     1 
HETATM 112 C C5     . PST A 1 4 ? 1.925   3.390  -2.983  1.00 0.00 ? 4  PST A C5     1 
HETATM 113 C C5M    . PST A 1 4 ? 3.177   3.834  -2.252  1.00 0.00 ? 4  PST A C5M    1 
HETATM 114 C C6     . PST A 1 4 ? 1.423   4.157  -3.984  1.00 0.00 ? 4  PST A C6     1 
HETATM 115 H "H5'"  . PST A 1 4 ? 2.793   6.756  -7.768  1.00 0.00 ? 4  PST A "H5'"  1 
HETATM 116 H "H5''" . PST A 1 4 ? 2.095   8.199  -7.005  1.00 0.00 ? 4  PST A "H5''" 1 
HETATM 117 H "H4'"  . PST A 1 4 ? 0.358   6.570  -7.786  1.00 0.00 ? 4  PST A "H4'"  1 
HETATM 118 H "H3'"  . PST A 1 4 ? 0.555   6.999  -4.781  1.00 0.00 ? 4  PST A "H3'"  1 
HETATM 119 H "H2'"  . PST A 1 4 ? -1.384  5.587  -4.611  1.00 0.00 ? 4  PST A "H2'"  1 
HETATM 120 H "H2''" . PST A 1 4 ? -1.750  5.779  -6.344  1.00 0.00 ? 4  PST A "H2''" 1 
HETATM 121 H "H1'"  . PST A 1 4 ? -0.602  3.858  -6.661  1.00 0.00 ? 4  PST A "H1'"  1 
HETATM 122 H HN3    . PST A 1 4 ? -0.350  1.005  -3.140  1.00 0.00 ? 4  PST A HN3    1 
HETATM 123 H H71    . PST A 1 4 ? 2.902   4.356  -1.335  1.00 0.00 ? 4  PST A H71    1 
HETATM 124 H H72    . PST A 1 4 ? 3.770   4.498  -2.880  1.00 0.00 ? 4  PST A H72    1 
HETATM 125 H H73    . PST A 1 4 ? 3.789   2.967  -2.002  1.00 0.00 ? 4  PST A H73    1 
HETATM 126 H H6     . PST A 1 4 ? 1.900   5.098  -4.203  1.00 0.00 ? 4  PST A H6     1 
HETATM 127 N N1     . SC  A 1 5 ? -3.374  4.163  -2.164  1.00 0.00 ? 5  SC  A N1     1 
HETATM 128 C C2     . SC  A 1 5 ? -3.554  3.020  -1.382  1.00 0.00 ? 5  SC  A C2     1 
HETATM 129 N N3     . SC  A 1 5 ? -2.495  2.547  -0.666  1.00 0.00 ? 5  SC  A N3     1 
HETATM 130 C C4     . SC  A 1 5 ? -1.320  3.194  -0.660  1.00 0.00 ? 5  SC  A C4     1 
HETATM 131 C C5     . SC  A 1 5 ? -1.152  4.439  -1.353  1.00 0.00 ? 5  SC  A C5     1 
HETATM 132 C C6     . SC  A 1 5 ? -2.206  4.882  -2.077  1.00 0.00 ? 5  SC  A C6     1 
HETATM 133 O O2     . SC  A 1 5 ? -4.645  2.457  -1.323  1.00 0.00 ? 5  SC  A O2     1 
HETATM 134 N N4     . SC  A 1 5 ? -0.312  2.698  0.064   1.00 0.00 ? 5  SC  A N4     1 
HETATM 135 C "C1'"  . SC  A 1 5 ? -4.503  4.615  -3.025  1.00 0.00 ? 5  SC  A "C1'"  1 
HETATM 136 C "C2'"  . SC  A 1 5 ? -5.404  5.570  -2.245  1.00 0.00 ? 5  SC  A "C2'"  1 
HETATM 137 C "C3'"  . SC  A 1 5 ? -5.042  6.940  -2.798  1.00 0.00 ? 5  SC  A "C3'"  1 
HETATM 138 C "C4'"  . SC  A 1 5 ? -4.743  6.557  -4.249  1.00 0.00 ? 5  SC  A "C4'"  1 
HETATM 139 O "O4'"  . SC  A 1 5 ? -4.041  5.328  -4.164  1.00 0.00 ? 5  SC  A "O4'"  1 
HETATM 140 O "O3'"  . SC  A 1 5 ? -6.126  7.844  -2.671  1.00 0.00 ? 5  SC  A "O3'"  1 
HETATM 141 C "C5'"  . SC  A 1 5 ? -3.927  7.600  -5.023  1.00 0.00 ? 5  SC  A "C5'"  1 
HETATM 142 O "O5'"  . SC  A 1 5 ? -2.702  7.853  -4.355  1.00 0.00 ? 5  SC  A "O5'"  1 
HETATM 143 P P      . SC  A 1 5 ? -1.598  8.892  -4.921  1.00 0.00 ? 5  SC  A P      1 
HETATM 144 O OP1    . SC  A 1 5 ? -2.311  9.981  -5.626  1.00 0.00 ? 5  SC  A OP1    1 
HETATM 145 S S2P    . SC  A 1 5 ? -0.299  9.338  -3.291  1.00 0.00 ? 5  SC  A S2P    1 
HETATM 146 H H5     . SC  A 1 5 ? -0.247  5.027  -1.313  1.00 0.00 ? 5  SC  A H5     1 
HETATM 147 H H6     . SC  A 1 5 ? -2.123  5.833  -2.578  1.00 0.00 ? 5  SC  A H6     1 
HETATM 148 H HN41   . SC  A 1 5 ? 0.579   3.172  0.085   1.00 0.00 ? 5  SC  A HN41   1 
HETATM 149 H HN42   . SC  A 1 5 ? -0.432  1.830  0.567   1.00 0.00 ? 5  SC  A HN42   1 
HETATM 150 H "H1'"  . SC  A 1 5 ? -5.093  3.768  -3.376  1.00 0.00 ? 5  SC  A "H1'"  1 
HETATM 151 H "H2'"  . SC  A 1 5 ? -5.229  5.513  -1.176  1.00 0.00 ? 5  SC  A "H2'"  1 
HETATM 152 H "H2''" . SC  A 1 5 ? -6.444  5.340  -2.472  1.00 0.00 ? 5  SC  A "H2''" 1 
HETATM 153 H "H3'"  . SC  A 1 5 ? -4.138  7.312  -2.317  1.00 0.00 ? 5  SC  A "H3'"  1 
HETATM 154 H "H4'"  . SC  A 1 5 ? -5.687  6.378  -4.769  1.00 0.00 ? 5  SC  A "H4'"  1 
HETATM 155 H "H5'"  . SC  A 1 5 ? -3.732  7.228  -6.030  1.00 0.00 ? 5  SC  A "H5'"  1 
HETATM 156 H "H5''" . SC  A 1 5 ? -4.507  8.521  -5.091  1.00 0.00 ? 5  SC  A "H5''" 1 
HETATM 157 P P      . AS  A 1 6 ? -6.468  8.583  -1.267  1.00 0.00 ? 6  AS  A P      1 
HETATM 158 O OP1    . AS  A 1 6 ? -7.731  9.333  -1.444  1.00 0.00 ? 6  AS  A OP1    1 
HETATM 159 S S2P    . AS  A 1 6 ? -4.702  9.586  -0.625  1.00 0.00 ? 6  AS  A S2P    1 
HETATM 160 O "O5'"  . AS  A 1 6 ? -6.734  7.397  -0.197  1.00 0.00 ? 6  AS  A "O5'"  1 
HETATM 161 C "C5'"  . AS  A 1 6 ? -7.960  6.685  -0.123  1.00 0.00 ? 6  AS  A "C5'"  1 
HETATM 162 C "C4'"  . AS  A 1 6 ? -7.853  5.609  0.969   1.00 0.00 ? 6  AS  A "C4'"  1 
HETATM 163 O "O4'"  . AS  A 1 6 ? -6.714  4.807  0.719   1.00 0.00 ? 6  AS  A "O4'"  1 
HETATM 164 C "C3'"  . AS  A 1 6 ? -7.658  6.202  2.368   1.00 0.00 ? 6  AS  A "C3'"  1 
HETATM 165 O "O3'"  . AS  A 1 6 ? -8.881  6.353  3.074   1.00 0.00 ? 6  AS  A "O3'"  1 
HETATM 166 C "C2'"  . AS  A 1 6 ? -6.735  5.196  3.043   1.00 0.00 ? 6  AS  A "C2'"  1 
HETATM 167 C "C1'"  . AS  A 1 6 ? -6.279  4.250  1.940   1.00 0.00 ? 6  AS  A "C1'"  1 
HETATM 168 N N9     . AS  A 1 6 ? -4.807  4.151  1.992   1.00 0.00 ? 6  AS  A N9     1 
HETATM 169 C C8     . AS  A 1 6 ? -3.872  4.970  1.410   1.00 0.00 ? 6  AS  A C8     1 
HETATM 170 N N7     . AS  A 1 6 ? -2.641  4.697  1.738   1.00 0.00 ? 6  AS  A N7     1 
HETATM 171 C C5     . AS  A 1 6 ? -2.769  3.634  2.623   1.00 0.00 ? 6  AS  A C5     1 
HETATM 172 C C6     . AS  A 1 6 ? -1.834  2.877  3.356   1.00 0.00 ? 6  AS  A C6     1 
HETATM 173 N N6     . AS  A 1 6 ? -0.513  3.064  3.258   1.00 0.00 ? 6  AS  A N6     1 
HETATM 174 N N1     . AS  A 1 6 ? -2.296  1.931  4.195   1.00 0.00 ? 6  AS  A N1     1 
HETATM 175 C C2     . AS  A 1 6 ? -3.609  1.751  4.313   1.00 0.00 ? 6  AS  A C2     1 
HETATM 176 N N3     . AS  A 1 6 ? -4.588  2.390  3.679   1.00 0.00 ? 6  AS  A N3     1 
HETATM 177 C C4     . AS  A 1 6 ? -4.091  3.325  2.824   1.00 0.00 ? 6  AS  A C4     1 
HETATM 178 H "H5'"  . AS  A 1 6 ? -8.171  6.207  -1.080  1.00 0.00 ? 6  AS  A "H5'"  1 
HETATM 179 H "H5''" . AS  A 1 6 ? -8.775  7.365  0.125   1.00 0.00 ? 6  AS  A "H5''" 1 
HETATM 180 H "H4'"  . AS  A 1 6 ? -8.740  4.974  0.964   1.00 0.00 ? 6  AS  A "H4'"  1 
HETATM 181 H "H3'"  . AS  A 1 6 ? -7.137  7.155  2.283   1.00 0.00 ? 6  AS  A "H3'"  1 
HETATM 182 H "H2'"  . AS  A 1 6 ? -5.896  5.743  3.469   1.00 0.00 ? 6  AS  A "H2'"  1 
HETATM 183 H "H2''" . AS  A 1 6 ? -7.233  4.604  3.805   1.00 0.00 ? 6  AS  A "H2''" 1 
HETATM 184 H "H1'"  . AS  A 1 6 ? -6.746  3.271  2.072   1.00 0.00 ? 6  AS  A "H1'"  1 
HETATM 185 H H8     . AS  A 1 6 ? -4.127  5.784  0.750   1.00 0.00 ? 6  AS  A H8     1 
HETATM 186 H HN61   . AS  A 1 6 ? -0.159  3.780  2.640   1.00 0.00 ? 6  AS  A HN61   1 
HETATM 187 H HN62   . AS  A 1 6 ? 0.121   2.479  3.784   1.00 0.00 ? 6  AS  A HN62   1 
HETATM 188 H H2     . AS  A 1 6 ? -3.917  0.983  5.007   1.00 0.00 ? 6  AS  A H2     1 
HETATM 189 P P      . GS  A 1 7 ? -8.961  7.039  4.547   1.00 0.00 ? 7  GS  A P      1 
HETATM 190 O OP1    . GS  A 1 7 ? -10.391 7.244  4.866   1.00 0.00 ? 7  GS  A OP1    1 
HETATM 191 S S2P    . GS  A 1 7 ? -7.611  8.687  4.602   1.00 0.00 ? 7  GS  A S2P    1 
HETATM 192 O "O5'"  . GS  A 1 7 ? -8.382  5.928  5.575   1.00 0.00 ? 7  GS  A "O5'"  1 
HETATM 193 C "C5'"  . GS  A 1 7 ? -9.092  4.734  5.863   1.00 0.00 ? 7  GS  A "C5'"  1 
HETATM 194 C "C4'"  . GS  A 1 7 ? -8.271  3.820  6.782   1.00 0.00 ? 7  GS  A "C4'"  1 
HETATM 195 O "O4'"  . GS  A 1 7 ? -7.001  3.571  6.206   1.00 0.00 ? 7  GS  A "O4'"  1 
HETATM 196 C "C3'"  . GS  A 1 7 ? -8.044  4.414  8.183   1.00 0.00 ? 7  GS  A "C3'"  1 
HETATM 197 O "O3'"  . GS  A 1 7 ? -8.589  3.537  9.160   1.00 0.00 ? 7  GS  A "O3'"  1 
HETATM 198 C "C2'"  . GS  A 1 7 ? -6.525  4.513  8.273   1.00 0.00 ? 7  GS  A "C2'"  1 
HETATM 199 C "C1'"  . GS  A 1 7 ? -6.053  3.490  7.248   1.00 0.00 ? 7  GS  A "C1'"  1 
HETATM 200 N N9     . GS  A 1 7 ? -4.713  3.869  6.759   1.00 0.00 ? 7  GS  A N9     1 
HETATM 201 C C8     . GS  A 1 7 ? -4.382  4.899  5.920   1.00 0.00 ? 7  GS  A C8     1 
HETATM 202 N N7     . GS  A 1 7 ? -3.105  5.047  5.723   1.00 0.00 ? 7  GS  A N7     1 
HETATM 203 C C5     . GS  A 1 7 ? -2.538  4.055  6.512   1.00 0.00 ? 7  GS  A C5     1 
HETATM 204 C C6     . GS  A 1 7 ? -1.166  3.739  6.734   1.00 0.00 ? 7  GS  A C6     1 
HETATM 205 O O6     . GS  A 1 7 ? -0.179  4.280  6.245   1.00 0.00 ? 7  GS  A O6     1 
HETATM 206 N N1     . GS  A 1 7 ? -1.005  2.685  7.631   1.00 0.00 ? 7  GS  A N1     1 
HETATM 207 C C2     . GS  A 1 7 ? -2.044  2.016  8.249   1.00 0.00 ? 7  GS  A C2     1 
HETATM 208 N N2     . GS  A 1 7 ? -1.715  1.071  9.134   1.00 0.00 ? 7  GS  A N2     1 
HETATM 209 N N3     . GS  A 1 7 ? -3.337  2.306  8.036   1.00 0.00 ? 7  GS  A N3     1 
HETATM 210 C C4     . GS  A 1 7 ? -3.513  3.332  7.159   1.00 0.00 ? 7  GS  A C4     1 
HETATM 211 H "H5'"  . GS  A 1 7 ? -9.301  4.200  4.934   1.00 0.00 ? 7  GS  A "H5'"  1 
HETATM 212 H "H5''" . GS  A 1 7 ? -10.038 4.974  6.350   1.00 0.00 ? 7  GS  A "H5''" 1 
HETATM 213 H "H4'"  . GS  A 1 7 ? -8.794  2.868  6.878   1.00 0.00 ? 7  GS  A "H4'"  1 
HETATM 214 H "H3'"  . GS  A 1 7 ? -8.496  5.403  8.254   1.00 0.00 ? 7  GS  A "H3'"  1 
HETATM 215 H "H2'"  . GS  A 1 7 ? -6.222  5.515  7.968   1.00 0.00 ? 7  GS  A "H2'"  1 
HETATM 216 H "H2''" . GS  A 1 7 ? -6.120  4.293  9.257   1.00 0.00 ? 7  GS  A "H2''" 1 
HETATM 217 H "H1'"  . GS  A 1 7 ? -6.067  2.487  7.678   1.00 0.00 ? 7  GS  A "H1'"  1 
HETATM 218 H H8     . GS  A 1 7 ? -5.121  5.546  5.477   1.00 0.00 ? 7  GS  A H8     1 
HETATM 219 H HN1    . GS  A 1 7 ? -0.060  2.408  7.855   1.00 0.00 ? 7  GS  A HN1    1 
HETATM 220 H HN21   . GS  A 1 7 ? -2.442  0.568  9.622   1.00 0.00 ? 7  GS  A HN21   1 
HETATM 221 H HN22   . GS  A 1 7 ? -0.743  0.876  9.331   1.00 0.00 ? 7  GS  A HN22   1 
HETATM 222 P P      . GS  A 1 8 ? -8.680  3.911  10.736  1.00 0.00 ? 8  GS  A P      1 
HETATM 223 O OP1    . GS  A 1 8 ? -9.682  3.013  11.353  1.00 0.00 ? 8  GS  A OP1    1 
HETATM 224 S S2P    . GS  A 1 8 ? -8.862  6.023  10.954  1.00 0.00 ? 8  GS  A S2P    1 
HETATM 225 O "O5'"  . GS  A 1 8 ? -7.231  3.509  11.322  1.00 0.00 ? 8  GS  A "O5'"  1 
HETATM 226 C "C5'"  . GS  A 1 8 ? -6.860  2.161  11.545  1.00 0.00 ? 8  GS  A "C5'"  1 
HETATM 227 C "C4'"  . GS  A 1 8 ? -5.418  2.092  12.056  1.00 0.00 ? 8  GS  A "C4'"  1 
HETATM 228 O "O4'"  . GS  A 1 8 ? -4.532  2.603  11.083  1.00 0.00 ? 8  GS  A "O4'"  1 
HETATM 229 C "C3'"  . GS  A 1 8 ? -5.178  2.913  13.331  1.00 0.00 ? 8  GS  A "C3'"  1 
HETATM 230 O "O3'"  . GS  A 1 8 ? -5.095  2.068  14.458  1.00 0.00 ? 8  GS  A "O3'"  1 
HETATM 231 C "C2'"  . GS  A 1 8 ? -3.848  3.622  13.068  1.00 0.00 ? 8  GS  A "C2'"  1 
HETATM 232 C "C1'"  . GS  A 1 8 ? -3.360  2.996  11.762  1.00 0.00 ? 8  GS  A "C1'"  1 
HETATM 233 N N9     . GS  A 1 8 ? -2.614  3.967  10.934  1.00 0.00 ? 8  GS  A N9     1 
HETATM 234 C C8     . GS  A 1 8 ? -3.114  4.969  10.141  1.00 0.00 ? 8  GS  A C8     1 
HETATM 235 N N7     . GS  A 1 8 ? -2.209  5.629  9.478   1.00 0.00 ? 8  GS  A N7     1 
HETATM 236 C C5     . GS  A 1 8 ? -1.015  5.036  9.870   1.00 0.00 ? 8  GS  A C5     1 
HETATM 237 C C6     . GS  A 1 8 ? 0.323   5.330  9.473   1.00 0.00 ? 8  GS  A C6     1 
HETATM 238 O O6     . GS  A 1 8 ? 0.705   6.176  8.671   1.00 0.00 ? 8  GS  A O6     1 
HETATM 239 N N1     . GS  A 1 8 ? 1.254   4.517  10.115  1.00 0.00 ? 8  GS  A N1     1 
HETATM 240 C C2     . GS  A 1 8 ? 0.936   3.536  11.036  1.00 0.00 ? 8  GS  A C2     1 
HETATM 241 N N2     . GS  A 1 8 ? 1.956   2.880  11.600  1.00 0.00 ? 8  GS  A N2     1 
HETATM 242 N N3     . GS  A 1 8 ? -0.324  3.245  11.394  1.00 0.00 ? 8  GS  A N3     1 
HETATM 243 C C4     . GS  A 1 8 ? -1.250  4.029  10.776  1.00 0.00 ? 8  GS  A C4     1 
HETATM 244 H "H5'"  . GS  A 1 8 ? -6.936  1.596  10.615  1.00 0.00 ? 8  GS  A "H5'"  1 
HETATM 245 H "H5''" . GS  A 1 8 ? -7.519  1.714  12.292  1.00 0.00 ? 8  GS  A "H5''" 1 
HETATM 246 H "H4'"  . GS  A 1 8 ? -5.149  1.051  12.239  1.00 0.00 ? 8  GS  A "H4'"  1 
HETATM 247 H "H3'"  . GS  A 1 8 ? -5.960  3.656  13.492  1.00 0.00 ? 8  GS  A "H3'"  1 
HETATM 248 H "HO3'" . GS  A 1 8 ? -5.109  2.612  15.249  1.00 0.00 ? 8  GS  A "HO3'" 1 
HETATM 249 H "H2'"  . GS  A 1 8 ? -4.036  4.688  12.928  1.00 0.00 ? 8  GS  A "H2'"  1 
HETATM 250 H "H2''" . GS  A 1 8 ? -3.126  3.476  13.872  1.00 0.00 ? 8  GS  A "H2''" 1 
HETATM 251 H "H1'"  . GS  A 1 8 ? -2.760  2.110  11.977  1.00 0.00 ? 8  GS  A "H1'"  1 
HETATM 252 H H8     . GS  A 1 8 ? -4.166  5.191  10.067  1.00 0.00 ? 8  GS  A H8     1 
HETATM 253 H HN1    . GS  A 1 8 ? 2.227   4.661  9.875   1.00 0.00 ? 8  GS  A HN1    1 
HETATM 254 H HN21   . GS  A 1 8 ? 1.767   2.157  12.279  1.00 0.00 ? 8  GS  A HN21   1 
HETATM 255 H HN22   . GS  A 1 8 ? 2.909   3.105  11.351  1.00 0.00 ? 8  GS  A HN22   1 
ATOM   256 O "O5'"  . C   B 2 1 ? 9.230   2.607  6.594   1.00 0.00 ? 9  C   B "O5'"  1 
ATOM   257 C "C5'"  . C   B 2 1 ? 10.075  2.467  7.717   1.00 0.00 ? 9  C   B "C5'"  1 
ATOM   258 C "C4'"  . C   B 2 1 ? 9.272   2.319  9.016   1.00 0.00 ? 9  C   B "C4'"  1 
ATOM   259 O "O4'"  . C   B 2 1 ? 8.596   3.513  9.369   1.00 0.00 ? 9  C   B "O4'"  1 
ATOM   260 C "C3'"  . C   B 2 1 ? 8.215   1.219  8.958   1.00 0.00 ? 9  C   B "C3'"  1 
ATOM   261 O "O3'"  . C   B 2 1 ? 8.813   -0.053 9.149   1.00 0.00 ? 9  C   B "O3'"  1 
ATOM   262 C "C2'"  . C   B 2 1 ? 7.321   1.657  10.113  1.00 0.00 ? 9  C   B "C2'"  1 
ATOM   263 O "O2'"  . C   B 2 1 ? 7.897   1.288  11.351  1.00 0.00 ? 9  C   B "O2'"  1 
ATOM   264 C "C1'"  . C   B 2 1 ? 7.348   3.185  9.965   1.00 0.00 ? 9  C   B "C1'"  1 
ATOM   265 N N1     . C   B 2 1 ? 6.212   3.688  9.136   1.00 0.00 ? 9  C   B N1     1 
ATOM   266 C C2     . C   B 2 1 ? 4.962   3.812  9.748   1.00 0.00 ? 9  C   B C2     1 
ATOM   267 O O2     . C   B 2 1 ? 4.776   3.398  10.891  1.00 0.00 ? 9  C   B O2     1 
ATOM   268 N N3     . C   B 2 1 ? 3.949   4.408  9.054   1.00 0.00 ? 9  C   B N3     1 
ATOM   269 C C4     . C   B 2 1 ? 4.130   4.851  7.801   1.00 0.00 ? 9  C   B C4     1 
ATOM   270 N N4     . C   B 2 1 ? 3.122   5.465  7.172   1.00 0.00 ? 9  C   B N4     1 
ATOM   271 C C5     . C   B 2 1 ? 5.386   4.687  7.132   1.00 0.00 ? 9  C   B C5     1 
ATOM   272 C C6     . C   B 2 1 ? 6.387   4.111  7.837   1.00 0.00 ? 9  C   B C6     1 
ATOM   273 H "H5'"  . C   B 2 1 ? 10.723  3.340  7.788   1.00 0.00 ? 9  C   B "H5'"  1 
ATOM   274 H "H5''" . C   B 2 1 ? 10.688  1.578  7.574   1.00 0.00 ? 9  C   B "H5''" 1 
ATOM   275 H "H4'"  . C   B 2 1 ? 9.968   2.094  9.827   1.00 0.00 ? 9  C   B "H4'"  1 
ATOM   276 H "H3'"  . C   B 2 1 ? 7.652   1.281  8.026   1.00 0.00 ? 9  C   B "H3'"  1 
ATOM   277 H "H2'"  . C   B 2 1 ? 6.316   1.248  10.049  1.00 0.00 ? 9  C   B "H2'"  1 
ATOM   278 H "HO2'" . C   B 2 1 ? 7.344   1.625  12.059  1.00 0.00 ? 9  C   B "HO2'" 1 
ATOM   279 H "H1'"  . C   B 2 1 ? 7.306   3.656  10.950  1.00 0.00 ? 9  C   B "H1'"  1 
ATOM   280 H H41    . C   B 2 1 ? 2.236   5.594  7.640   1.00 0.00 ? 9  C   B H41    1 
ATOM   281 H H42    . C   B 2 1 ? 3.247   5.812  6.232   1.00 0.00 ? 9  C   B H42    1 
ATOM   282 H H5     . C   B 2 1 ? 5.568   5.012  6.118   1.00 0.00 ? 9  C   B H5     1 
ATOM   283 H H6     . C   B 2 1 ? 7.342   4.013  7.351   1.00 0.00 ? 9  C   B H6     1 
ATOM   284 H "HO5'" . C   B 2 1 ? 9.775   2.685  5.806   1.00 0.00 ? 9  C   B "HO5'" 1 
ATOM   285 P P      . C   B 2 2 ? 8.211   -1.400 8.495   1.00 0.00 ? 10 C   B P      1 
ATOM   286 O OP1    . C   B 2 2 ? 9.091   -2.527 8.877   1.00 0.00 ? 10 C   B OP1    1 
ATOM   287 O OP2    . C   B 2 2 ? 7.941   -1.136 7.064   1.00 0.00 ? 10 C   B OP2    1 
ATOM   288 O "O5'"  . C   B 2 2 ? 6.796   -1.593 9.237   1.00 0.00 ? 10 C   B "O5'"  1 
ATOM   289 C "C5'"  . C   B 2 2 ? 6.688   -2.137 10.536  1.00 0.00 ? 10 C   B "C5'"  1 
ATOM   290 C "C4'"  . C   B 2 2 ? 5.224   -2.093 10.986  1.00 0.00 ? 10 C   B "C4'"  1 
ATOM   291 O "O4'"  . C   B 2 2 ? 4.758   -0.757 11.085  1.00 0.00 ? 10 C   B "O4'"  1 
ATOM   292 C "C3'"  . C   B 2 2 ? 4.264   -2.781 10.016  1.00 0.00 ? 10 C   B "C3'"  1 
ATOM   293 O "O3'"  . C   B 2 2 ? 4.290   -4.193 10.123  1.00 0.00 ? 10 C   B "O3'"  1 
ATOM   294 C "C2'"  . C   B 2 2 ? 2.950   -2.172 10.487  1.00 0.00 ? 10 C   B "C2'"  1 
ATOM   295 O "O2'"  . C   B 2 2 ? 2.515   -2.784 11.686  1.00 0.00 ? 10 C   B "O2'"  1 
ATOM   296 C "C1'"  . C   B 2 2 ? 3.370   -0.728 10.777  1.00 0.00 ? 10 C   B "C1'"  1 
ATOM   297 N N1     . C   B 2 2 ? 3.081   0.132  9.593   1.00 0.00 ? 10 C   B N1     1 
ATOM   298 C C2     . C   B 2 2 ? 1.779   0.609  9.437   1.00 0.00 ? 10 C   B C2     1 
ATOM   299 O O2     . C   B 2 2 ? 0.890   0.284  10.221  1.00 0.00 ? 10 C   B O2     1 
ATOM   300 N N3     . C   B 2 2 ? 1.509   1.443  8.392   1.00 0.00 ? 10 C   B N3     1 
ATOM   301 C C4     . C   B 2 2 ? 2.460   1.772  7.505   1.00 0.00 ? 10 C   B C4     1 
ATOM   302 N N4     . C   B 2 2 ? 2.158   2.592  6.496   1.00 0.00 ? 10 C   B N4     1 
ATOM   303 C C5     . C   B 2 2 ? 3.783   1.228  7.596   1.00 0.00 ? 10 C   B C5     1 
ATOM   304 C C6     . C   B 2 2 ? 4.038   0.419  8.648   1.00 0.00 ? 10 C   B C6     1 
ATOM   305 H "H5'"  . C   B 2 2 ? 7.298   -1.566 11.238  1.00 0.00 ? 10 C   B "H5'"  1 
ATOM   306 H "H5''" . C   B 2 2 ? 7.025   -3.175 10.527  1.00 0.00 ? 10 C   B "H5''" 1 
ATOM   307 H "H4'"  . C   B 2 2 ? 5.139   -2.560 11.968  1.00 0.00 ? 10 C   B "H4'"  1 
ATOM   308 H "H3'"  . C   B 2 2 ? 4.464   -2.459 8.995   1.00 0.00 ? 10 C   B "H3'"  1 
ATOM   309 H "H2'"  . C   B 2 2 ? 2.174   -2.234 9.728   1.00 0.00 ? 10 C   B "H2'"  1 
ATOM   310 H "HO2'" . C   B 2 2 ? 1.728   -2.329 11.994  1.00 0.00 ? 10 C   B "HO2'" 1 
ATOM   311 H "H1'"  . C   B 2 2 ? 2.839   -0.345 11.650  1.00 0.00 ? 10 C   B "H1'"  1 
ATOM   312 H H41    . C   B 2 2 ? 1.233   2.988  6.421   1.00 0.00 ? 10 C   B H41    1 
ATOM   313 H H42    . C   B 2 2 ? 2.861   2.834  5.815   1.00 0.00 ? 10 C   B H42    1 
ATOM   314 H H5     . C   B 2 2 ? 4.561   1.433  6.878   1.00 0.00 ? 10 C   B H5     1 
ATOM   315 H H6     . C   B 2 2 ? 5.020   -0.008 8.720   1.00 0.00 ? 10 C   B H6     1 
ATOM   316 P P      . U   B 2 3 ? 3.768   -5.145 8.923   1.00 0.00 ? 11 U   B P      1 
ATOM   317 O OP1    . U   B 2 3 ? 3.816   -6.545 9.400   1.00 0.00 ? 11 U   B OP1    1 
ATOM   318 O OP2    . U   B 2 3 ? 4.499   -4.768 7.694   1.00 0.00 ? 11 U   B OP2    1 
ATOM   319 O "O5'"  . U   B 2 3 ? 2.219   -4.732 8.725   1.00 0.00 ? 11 U   B "O5'"  1 
ATOM   320 C "C5'"  . U   B 2 3 ? 1.206   -5.200 9.592   1.00 0.00 ? 11 U   B "C5'"  1 
ATOM   321 C "C4'"  . U   B 2 3 ? -0.149  -4.599 9.213   1.00 0.00 ? 11 U   B "C4'"  1 
ATOM   322 O "O4'"  . U   B 2 3 ? -0.140  -3.180 9.248   1.00 0.00 ? 11 U   B "O4'"  1 
ATOM   323 C "C3'"  . U   B 2 3 ? -0.603  -4.947 7.799   1.00 0.00 ? 11 U   B "C3'"  1 
ATOM   324 O "O3'"  . U   B 2 3 ? -1.028  -6.293 7.664   1.00 0.00 ? 11 U   B "O3'"  1 
ATOM   325 C "C2'"  . U   B 2 3 ? -1.733  -3.933 7.668   1.00 0.00 ? 11 U   B "C2'"  1 
ATOM   326 O "O2'"  . U   B 2 3 ? -2.877  -4.354 8.383   1.00 0.00 ? 11 U   B "O2'"  1 
ATOM   327 C "C1'"  . U   B 2 3 ? -1.126  -2.698 8.342   1.00 0.00 ? 11 U   B "C1'"  1 
ATOM   328 N N1     . U   B 2 3 ? -0.552  -1.790 7.306   1.00 0.00 ? 11 U   B N1     1 
ATOM   329 C C2     . U   B 2 3 ? -1.428  -0.921 6.655   1.00 0.00 ? 11 U   B C2     1 
ATOM   330 O O2     . U   B 2 3 ? -2.638  -0.901 6.876   1.00 0.00 ? 11 U   B O2     1 
ATOM   331 N N3     . U   B 2 3 ? -0.867  -0.065 5.721   1.00 0.00 ? 11 U   B N3     1 
ATOM   332 C C4     . U   B 2 3 ? 0.457   -0.055 5.312   1.00 0.00 ? 11 U   B C4     1 
ATOM   333 O O4     . U   B 2 3 ? 0.841   0.744  4.461   1.00 0.00 ? 11 U   B O4     1 
ATOM   334 C C5     . U   B 2 3 ? 1.284   -1.042 5.974   1.00 0.00 ? 11 U   B C5     1 
ATOM   335 C C6     . U   B 2 3 ? 0.772   -1.856 6.929   1.00 0.00 ? 11 U   B C6     1 
ATOM   336 H "H5'"  . U   B 2 3 ? 1.438   -4.931 10.622  1.00 0.00 ? 11 U   B "H5'"  1 
ATOM   337 H "H5''" . U   B 2 3 ? 1.137   -6.286 9.519   1.00 0.00 ? 11 U   B "H5''" 1 
ATOM   338 H "H4'"  . U   B 2 3 ? -0.896  -4.956 9.924   1.00 0.00 ? 11 U   B "H4'"  1 
ATOM   339 H "H3'"  . U   B 2 3 ? 0.192   -4.712 7.089   1.00 0.00 ? 11 U   B "H3'"  1 
ATOM   340 H "H2'"  . U   B 2 3 ? -1.989  -3.743 6.634   1.00 0.00 ? 11 U   B "H2'"  1 
ATOM   341 H "HO2'" . U   B 2 3 ? -3.567  -3.696 8.269   1.00 0.00 ? 11 U   B "HO2'" 1 
ATOM   342 H "H1'"  . U   B 2 3 ? -1.887  -2.167 8.916   1.00 0.00 ? 11 U   B "H1'"  1 
ATOM   343 H H3     . U   B 2 3 ? -1.482  0.599  5.273   1.00 0.00 ? 11 U   B H3     1 
ATOM   344 H H5     . U   B 2 3 ? 2.325   -1.128 5.698   1.00 0.00 ? 11 U   B H5     1 
ATOM   345 H H6     . U   B 2 3 ? 1.430   -2.577 7.385   1.00 0.00 ? 11 U   B H6     1 
ATOM   346 P P      . G   B 2 4 ? -1.197  -6.995 6.215   1.00 0.00 ? 12 G   B P      1 
ATOM   347 O OP1    . G   B 2 4 ? -1.632  -8.393 6.435   1.00 0.00 ? 12 G   B OP1    1 
ATOM   348 O OP2    . G   B 2 4 ? 0.029   -6.729 5.430   1.00 0.00 ? 12 G   B OP2    1 
ATOM   349 O "O5'"  . G   B 2 4 ? -2.415  -6.194 5.521   1.00 0.00 ? 12 G   B "O5'"  1 
ATOM   350 C "C5'"  . G   B 2 4 ? -3.760  -6.432 5.886   1.00 0.00 ? 12 G   B "C5'"  1 
ATOM   351 C "C4'"  . G   B 2 4 ? -4.677  -5.356 5.296   1.00 0.00 ? 12 G   B "C4'"  1 
ATOM   352 O "O4'"  . G   B 2 4 ? -4.217  -4.050 5.608   1.00 0.00 ? 12 G   B "O4'"  1 
ATOM   353 C "C3'"  . G   B 2 4 ? -4.815  -5.388 3.775   1.00 0.00 ? 12 G   B "C3'"  1 
ATOM   354 O "O3'"  . G   B 2 4 ? -5.684  -6.413 3.329   1.00 0.00 ? 12 G   B "O3'"  1 
ATOM   355 C "C2'"  . G   B 2 4 ? -5.402  -3.993 3.572   1.00 0.00 ? 12 G   B "C2'"  1 
ATOM   356 O "O2'"  . G   B 2 4 ? -6.752  -3.956 3.991   1.00 0.00 ? 12 G   B "O2'"  1 
ATOM   357 C "C1'"  . G   B 2 4 ? -4.563  -3.169 4.548   1.00 0.00 ? 12 G   B "C1'"  1 
ATOM   358 N N9     . G   B 2 4 ? -3.360  -2.621 3.871   1.00 0.00 ? 12 G   B N9     1 
ATOM   359 C C8     . G   B 2 4 ? -2.047  -3.018 3.945   1.00 0.00 ? 12 G   B C8     1 
ATOM   360 N N7     . G   B 2 4 ? -1.217  -2.257 3.292   1.00 0.00 ? 12 G   B N7     1 
ATOM   361 C C5     . G   B 2 4 ? -2.038  -1.307 2.697   1.00 0.00 ? 12 G   B C5     1 
ATOM   362 C C6     . G   B 2 4 ? -1.709  -0.235 1.816   1.00 0.00 ? 12 G   B C6     1 
ATOM   363 O O6     . G   B 2 4 ? -0.593  0.145  1.474   1.00 0.00 ? 12 G   B O6     1 
ATOM   364 N N1     . G   B 2 4 ? -2.839  0.405  1.312   1.00 0.00 ? 12 G   B N1     1 
ATOM   365 C C2     . G   B 2 4 ? -4.139  0.069  1.642   1.00 0.00 ? 12 G   B C2     1 
ATOM   366 N N2     . G   B 2 4 ? -5.116  0.759  1.045   1.00 0.00 ? 12 G   B N2     1 
ATOM   367 N N3     . G   B 2 4 ? -4.448  -0.903 2.516   1.00 0.00 ? 12 G   B N3     1 
ATOM   368 C C4     . G   B 2 4 ? -3.355  -1.556 2.999   1.00 0.00 ? 12 G   B C4     1 
ATOM   369 H "H5'"  . G   B 2 4 ? -3.855  -6.406 6.972   1.00 0.00 ? 12 G   B "H5'"  1 
ATOM   370 H "H5''" . G   B 2 4 ? -4.074  -7.413 5.528   1.00 0.00 ? 12 G   B "H5''" 1 
ATOM   371 H "H4'"  . G   B 2 4 ? -5.668  -5.482 5.736   1.00 0.00 ? 12 G   B "H4'"  1 
ATOM   372 H "H3'"  . G   B 2 4 ? -3.827  -5.461 3.315   1.00 0.00 ? 12 G   B "H3'"  1 
ATOM   373 H "H2'"  . G   B 2 4 ? -5.318  -3.640 2.549   1.00 0.00 ? 12 G   B "H2'"  1 
ATOM   374 H "HO2'" . G   B 2 4 ? -7.037  -3.040 4.024   1.00 0.00 ? 12 G   B "HO2'" 1 
ATOM   375 H "H1'"  . G   B 2 4 ? -5.144  -2.334 4.943   1.00 0.00 ? 12 G   B "H1'"  1 
ATOM   376 H H8     . G   B 2 4 ? -1.708  -3.879 4.497   1.00 0.00 ? 12 G   B H8     1 
ATOM   377 H H1     . G   B 2 4 ? -2.685  1.161  0.658   1.00 0.00 ? 12 G   B H1     1 
ATOM   378 H H21    . G   B 2 4 ? -4.897  1.471  0.360   1.00 0.00 ? 12 G   B H21    1 
ATOM   379 H H22    . G   B 2 4 ? -6.078  0.553  1.271   1.00 0.00 ? 12 G   B H22    1 
ATOM   380 P P      . A   B 2 5 ? -5.716  -6.898 1.785   1.00 0.00 ? 13 A   B P      1 
ATOM   381 O OP1    . A   B 2 5 ? -6.816  -7.879 1.640   1.00 0.00 ? 13 A   B OP1    1 
ATOM   382 O OP2    . A   B 2 5 ? -4.340  -7.286 1.402   1.00 0.00 ? 13 A   B OP2    1 
ATOM   383 O "O5'"  . A   B 2 5 ? -6.106  -5.578 0.941   1.00 0.00 ? 13 A   B "O5'"  1 
ATOM   384 C "C5'"  . A   B 2 5 ? -7.432  -5.090 0.875   1.00 0.00 ? 13 A   B "C5'"  1 
ATOM   385 C "C4'"  . A   B 2 5 ? -7.485  -3.838 -0.006  1.00 0.00 ? 13 A   B "C4'"  1 
ATOM   386 O "O4'"  . A   B 2 5 ? -6.628  -2.810 0.462   1.00 0.00 ? 13 A   B "O4'"  1 
ATOM   387 C "C3'"  . A   B 2 5 ? -7.050  -4.107 -1.443  1.00 0.00 ? 13 A   B "C3'"  1 
ATOM   388 O "O3'"  . A   B 2 5 ? -8.067  -4.772 -2.174  1.00 0.00 ? 13 A   B "O3'"  1 
ATOM   389 C "C2'"  . A   B 2 5 ? -6.803  -2.676 -1.901  1.00 0.00 ? 13 A   B "C2'"  1 
ATOM   390 O "O2'"  . A   B 2 5 ? -8.024  -2.013 -2.163  1.00 0.00 ? 13 A   B "O2'"  1 
ATOM   391 C "C1'"  . A   B 2 5 ? -6.150  -2.074 -0.655  1.00 0.00 ? 13 A   B "C1'"  1 
ATOM   392 N N9     . A   B 2 5 ? -4.670  -2.160 -0.737  1.00 0.00 ? 13 A   B N9     1 
ATOM   393 C C8     . A   B 2 5 ? -3.797  -2.945 -0.020  1.00 0.00 ? 13 A   B C8     1 
ATOM   394 N N7     . A   B 2 5 ? -2.540  -2.659 -0.209  1.00 0.00 ? 13 A   B N7     1 
ATOM   395 C C5     . A   B 2 5 ? -2.573  -1.630 -1.140  1.00 0.00 ? 13 A   B C5     1 
ATOM   396 C C6     . A   B 2 5 ? -1.569  -0.850 -1.748  1.00 0.00 ? 13 A   B C6     1 
ATOM   397 N N6     . A   B 2 5 ? -0.273  -0.953 -1.431  1.00 0.00 ? 13 A   B N6     1 
ATOM   398 N N1     . A   B 2 5 ? -1.941  0.043  -2.684  1.00 0.00 ? 13 A   B N1     1 
ATOM   399 C C2     . A   B 2 5 ? -3.231  0.184  -2.975  1.00 0.00 ? 13 A   B C2     1 
ATOM   400 N N3     . A   B 2 5 ? -4.271  -0.449 -2.438  1.00 0.00 ? 13 A   B N3     1 
ATOM   401 C C4     . A   B 2 5 ? -3.867  -1.356 -1.510  1.00 0.00 ? 13 A   B C4     1 
ATOM   402 H "H5'"  . A   B 2 5 ? -7.801  -4.847 1.870   1.00 0.00 ? 13 A   B "H5'"  1 
ATOM   403 H "H5''" . A   B 2 5 ? -8.083  -5.849 0.436   1.00 0.00 ? 13 A   B "H5''" 1 
ATOM   404 H "H4'"  . A   B 2 5 ? -8.506  -3.453 -0.009  1.00 0.00 ? 13 A   B "H4'"  1 
ATOM   405 H "H3'"  . A   B 2 5 ? -6.110  -4.660 -1.447  1.00 0.00 ? 13 A   B "H3'"  1 
ATOM   406 H "H2'"  . A   B 2 5 ? -6.162  -2.617 -2.774  1.00 0.00 ? 13 A   B "H2'"  1 
ATOM   407 H "HO2'" . A   B 2 5 ? -7.831  -1.105 -2.409  1.00 0.00 ? 13 A   B "HO2'" 1 
ATOM   408 H "H1'"  . A   B 2 5 ? -6.434  -1.026 -0.554  1.00 0.00 ? 13 A   B "H1'"  1 
ATOM   409 H H8     . A   B 2 5 ? -4.111  -3.713 0.666   1.00 0.00 ? 13 A   B H8     1 
ATOM   410 H H61    . A   B 2 5 ? 0.421   -0.376 -1.887  1.00 0.00 ? 13 A   B H61    1 
ATOM   411 H H62    . A   B 2 5 ? 0.009   -1.602 -0.709  1.00 0.00 ? 13 A   B H62    1 
ATOM   412 H H2     . A   B 2 5 ? -3.467  0.918  -3.730  1.00 0.00 ? 13 A   B H2     1 
ATOM   413 P P      . C   B 2 6 ? -7.740  -5.691 -3.462  1.00 0.00 ? 14 C   B P      1 
ATOM   414 O OP1    . C   B 2 6 ? -9.018  -6.236 -3.970  1.00 0.00 ? 14 C   B OP1    1 
ATOM   415 O OP2    . C   B 2 6 ? -6.646  -6.618 -3.096  1.00 0.00 ? 14 C   B OP2    1 
ATOM   416 O "O5'"  . C   B 2 6 ? -7.166  -4.655 -4.554  1.00 0.00 ? 14 C   B "O5'"  1 
ATOM   417 C "C5'"  . C   B 2 6 ? -7.997  -3.752 -5.253  1.00 0.00 ? 14 C   B "C5'"  1 
ATOM   418 C "C4'"  . C   B 2 6 ? -7.146  -2.800 -6.103  1.00 0.00 ? 14 C   B "C4'"  1 
ATOM   419 O "O4'"  . C   B 2 6 ? -6.291  -1.998 -5.302  1.00 0.00 ? 14 C   B "O4'"  1 
ATOM   420 C "C3'"  . C   B 2 6 ? -6.235  -3.504 -7.109  1.00 0.00 ? 14 C   B "C3'"  1 
ATOM   421 O "O3'"  . C   B 2 6 ? -6.944  -3.958 -8.251  1.00 0.00 ? 14 C   B "O3'"  1 
ATOM   422 C "C2'"  . C   B 2 6 ? -5.280  -2.353 -7.405  1.00 0.00 ? 14 C   B "C2'"  1 
ATOM   423 O "O2'"  . C   B 2 6 ? -5.895  -1.406 -8.259  1.00 0.00 ? 14 C   B "O2'"  1 
ATOM   424 C "C1'"  . C   B 2 6 ? -5.086  -1.740 -6.016  1.00 0.00 ? 14 C   B "C1'"  1 
ATOM   425 N N1     . C   B 2 6 ? -3.896  -2.333 -5.332  1.00 0.00 ? 14 C   B N1     1 
ATOM   426 C C2     . C   B 2 6 ? -2.635  -1.804 -5.617  1.00 0.00 ? 14 C   B C2     1 
ATOM   427 O O2     . C   B 2 6 ? -2.490  -0.937 -6.479  1.00 0.00 ? 14 C   B O2     1 
ATOM   428 N N3     . C   B 2 6 ? -1.559  -2.268 -4.923  1.00 0.00 ? 14 C   B N3     1 
ATOM   429 C C4     . C   B 2 6 ? -1.683  -3.244 -4.010  1.00 0.00 ? 14 C   B C4     1 
ATOM   430 N N4     . C   B 2 6 ? -0.607  -3.642 -3.327  1.00 0.00 ? 14 C   B N4     1 
ATOM   431 C C5     . C   B 2 6 ? -2.956  -3.841 -3.738  1.00 0.00 ? 14 C   B C5     1 
ATOM   432 C C6     . C   B 2 6 ? -4.015  -3.357 -4.421  1.00 0.00 ? 14 C   B C6     1 
ATOM   433 H "H5'"  . C   B 2 6 ? -8.587  -3.164 -4.550  1.00 0.00 ? 14 C   B "H5'"  1 
ATOM   434 H "H5''" . C   B 2 6 ? -8.669  -4.309 -5.907  1.00 0.00 ? 14 C   B "H5''" 1 
ATOM   435 H "H4'"  . C   B 2 6 ? -7.818  -2.133 -6.646  1.00 0.00 ? 14 C   B "H4'"  1 
ATOM   436 H "H3'"  . C   B 2 6 ? -5.694  -4.317 -6.623  1.00 0.00 ? 14 C   B "H3'"  1 
ATOM   437 H "H2'"  . C   B 2 6 ? -4.345  -2.689 -7.833  1.00 0.00 ? 14 C   B "H2'"  1 
ATOM   438 H "HO2'" . C   B 2 6 ? -5.309  -0.652 -8.354  1.00 0.00 ? 14 C   B "HO2'" 1 
ATOM   439 H "H1'"  . C   B 2 6 ? -4.959  -0.658 -6.094  1.00 0.00 ? 14 C   B "H1'"  1 
ATOM   440 H H41    . C   B 2 6 ? 0.289   -3.212 -3.518  1.00 0.00 ? 14 C   B H41    1 
ATOM   441 H H42    . C   B 2 6 ? -0.688  -4.360 -2.622  1.00 0.00 ? 14 C   B H42    1 
ATOM   442 H H5     . C   B 2 6 ? -3.103  -4.637 -3.020  1.00 0.00 ? 14 C   B H5     1 
ATOM   443 H H6     . C   B 2 6 ? -4.970  -3.803 -4.227  1.00 0.00 ? 14 C   B H6     1 
ATOM   444 P P      . G   B 2 7 ? -6.315  -5.035 -9.284  1.00 0.00 ? 15 G   B P      1 
ATOM   445 O OP1    . G   B 2 7 ? -7.313  -5.277 -10.350 1.00 0.00 ? 15 G   B OP1    1 
ATOM   446 O OP2    . G   B 2 7 ? -5.797  -6.177 -8.499  1.00 0.00 ? 15 G   B OP2    1 
ATOM   447 O "O5'"  . G   B 2 7 ? -5.053  -4.276 -9.944  1.00 0.00 ? 15 G   B "O5'"  1 
ATOM   448 C "C5'"  . G   B 2 7 ? -5.209  -3.318 -10.972 1.00 0.00 ? 15 G   B "C5'"  1 
ATOM   449 C "C4'"  . G   B 2 7 ? -3.878  -2.609 -11.235 1.00 0.00 ? 15 G   B "C4'"  1 
ATOM   450 O "O4'"  . G   B 2 7 ? -3.354  -2.044 -10.043 1.00 0.00 ? 15 G   B "O4'"  1 
ATOM   451 C "C3'"  . G   B 2 7 ? -2.777  -3.515 -11.784 1.00 0.00 ? 15 G   B "C3'"  1 
ATOM   452 O "O3'"  . G   B 2 7 ? -2.944  -3.764 -13.170 1.00 0.00 ? 15 G   B "O3'"  1 
ATOM   453 C "C2'"  . G   B 2 7 ? -1.571  -2.631 -11.479 1.00 0.00 ? 15 G   B "C2'"  1 
ATOM   454 O "O2'"  . G   B 2 7 ? -1.494  -1.561 -12.401 1.00 0.00 ? 15 G   B "O2'"  1 
ATOM   455 C "C1'"  . G   B 2 7 ? -1.937  -2.088 -10.096 1.00 0.00 ? 15 G   B "C1'"  1 
ATOM   456 N N9     . G   B 2 7 ? -1.389  -2.943 -9.011  1.00 0.00 ? 15 G   B N9     1 
ATOM   457 C C8     . G   B 2 7 ? -1.987  -3.935 -8.272  1.00 0.00 ? 15 G   B C8     1 
ATOM   458 N N7     . G   B 2 7 ? -1.267  -4.376 -7.278  1.00 0.00 ? 15 G   B N7     1 
ATOM   459 C C5     . G   B 2 7 ? -0.083  -3.656 -7.383  1.00 0.00 ? 15 G   B C5     1 
ATOM   460 C C6     . G   B 2 7 ? 1.102   -3.702 -6.585  1.00 0.00 ? 15 G   B C6     1 
ATOM   461 O O6     . G   B 2 7 ? 1.296   -4.330 -5.547  1.00 0.00 ? 15 G   B O6     1 
ATOM   462 N N1     . G   B 2 7 ? 2.128   -2.927 -7.118  1.00 0.00 ? 15 G   B N1     1 
ATOM   463 C C2     . G   B 2 7 ? 2.011   -2.157 -8.260  1.00 0.00 ? 15 G   B C2     1 
ATOM   464 N N2     . G   B 2 7 ? 3.085   -1.465 -8.647  1.00 0.00 ? 15 G   B N2     1 
ATOM   465 N N3     . G   B 2 7 ? 0.880   -2.062 -8.975  1.00 0.00 ? 15 G   B N3     1 
ATOM   466 C C4     . G   B 2 7 ? -0.124  -2.836 -8.485  1.00 0.00 ? 15 G   B C4     1 
ATOM   467 H "H5'"  . G   B 2 7 ? -5.950  -2.574 -10.677 1.00 0.00 ? 15 G   B "H5'"  1 
ATOM   468 H "H5''" . G   B 2 7 ? -5.544  -3.808 -11.887 1.00 0.00 ? 15 G   B "H5''" 1 
ATOM   469 H "H4'"  . G   B 2 7 ? -4.052  -1.800 -11.946 1.00 0.00 ? 15 G   B "H4'"  1 
ATOM   470 H "H3'"  . G   B 2 7 ? -2.729  -4.436 -11.202 1.00 0.00 ? 15 G   B "H3'"  1 
ATOM   471 H "H2'"  . G   B 2 7 ? -0.630  -3.166 -11.474 1.00 0.00 ? 15 G   B "H2'"  1 
ATOM   472 H "HO2'" . G   B 2 7 ? -0.772  -0.984 -12.140 1.00 0.00 ? 15 G   B "HO2'" 1 
ATOM   473 H "H1'"  . G   B 2 7 ? -1.542  -1.079 -9.971  1.00 0.00 ? 15 G   B "H1'"  1 
ATOM   474 H H8     . G   B 2 7 ? -2.975  -4.318 -8.467  1.00 0.00 ? 15 G   B H8     1 
ATOM   475 H H1     . G   B 2 7 ? 3.009   -2.931 -6.620  1.00 0.00 ? 15 G   B H1     1 
ATOM   476 H H21    . G   B 2 7 ? 3.944   -1.527 -8.122  1.00 0.00 ? 15 G   B H21    1 
ATOM   477 H H22    . G   B 2 7 ? 3.038   -0.890 -9.475  1.00 0.00 ? 15 G   B H22    1 
ATOM   478 P P      . C   B 2 8 ? -2.267  -5.036 -13.902 1.00 0.00 ? 16 C   B P      1 
ATOM   479 O OP1    . C   B 2 8 ? -2.579  -4.950 -15.347 1.00 0.00 ? 16 C   B OP1    1 
ATOM   480 O OP2    . C   B 2 8 ? -2.645  -6.251 -13.147 1.00 0.00 ? 16 C   B OP2    1 
ATOM   481 O "O5'"  . C   B 2 8 ? -0.679  -4.820 -13.716 1.00 0.00 ? 16 C   B "O5'"  1 
ATOM   482 C "C5'"  . C   B 2 8 ? 0.074   -3.951 -14.540 1.00 0.00 ? 16 C   B "C5'"  1 
ATOM   483 C "C4'"  . C   B 2 8 ? 1.545   -3.955 -14.107 1.00 0.00 ? 16 C   B "C4'"  1 
ATOM   484 O "O4'"  . C   B 2 8 ? 1.724   -3.381 -12.822 1.00 0.00 ? 16 C   B "O4'"  1 
ATOM   485 C "C3'"  . C   B 2 8 ? 2.177   -5.345 -14.013 1.00 0.00 ? 16 C   B "C3'"  1 
ATOM   486 O "O3'"  . C   B 2 8 ? 2.510   -5.901 -15.265 1.00 0.00 ? 16 C   B "O3'"  1 
ATOM   487 C "C2'"  . C   B 2 8 ? 3.416   -5.007 -13.192 1.00 0.00 ? 16 C   B "C2'"  1 
ATOM   488 O "O2'"  . C   B 2 8 ? 4.378   -4.357 -14.002 1.00 0.00 ? 16 C   B "O2'"  1 
ATOM   489 C "C1'"  . C   B 2 8 ? 2.833   -4.009 -12.184 1.00 0.00 ? 16 C   B "C1'"  1 
ATOM   490 N N1     . C   B 2 8 ? 2.414   -4.729 -10.946 1.00 0.00 ? 16 C   B N1     1 
ATOM   491 C C2     . C   B 2 8 ? 3.382   -4.992 -9.974  1.00 0.00 ? 16 C   B C2     1 
ATOM   492 O O2     . C   B 2 8 ? 4.547   -4.633 -10.132 1.00 0.00 ? 16 C   B O2     1 
ATOM   493 N N3     . C   B 2 8 ? 3.012   -5.666 -8.846  1.00 0.00 ? 16 C   B N3     1 
ATOM   494 C C4     . C   B 2 8 ? 1.750   -6.091 -8.674  1.00 0.00 ? 16 C   B C4     1 
ATOM   495 N N4     . C   B 2 8 ? 1.418   -6.722 -7.546  1.00 0.00 ? 16 C   B N4     1 
ATOM   496 C C5     . C   B 2 8 ? 0.748   -5.864 -9.671  1.00 0.00 ? 16 C   B C5     1 
ATOM   497 C C6     . C   B 2 8 ? 1.130   -5.191 -10.777 1.00 0.00 ? 16 C   B C6     1 
ATOM   498 H "H5'"  . C   B 2 8 ? -0.318  -2.936 -14.477 1.00 0.00 ? 16 C   B "H5'"  1 
ATOM   499 H "H5''" . C   B 2 8 ? 0.017   -4.292 -15.575 1.00 0.00 ? 16 C   B "H5''" 1 
ATOM   500 H "H4'"  . C   B 2 8 ? 2.113   -3.355 -14.821 1.00 0.00 ? 16 C   B "H4'"  1 
ATOM   501 H "H3'"  . C   B 2 8 ? 1.544   -6.034 -13.453 1.00 0.00 ? 16 C   B "H3'"  1 
ATOM   502 H "HO3'" . C   B 2 8 ? 3.240   -5.395 -15.628 1.00 0.00 ? 16 C   B "HO3'" 1 
ATOM   503 H "H2'"  . C   B 2 8 ? 3.858   -5.884 -12.720 1.00 0.00 ? 16 C   B "H2'"  1 
ATOM   504 H "HO2'" . C   B 2 8 ? 5.065   -4.987 -14.231 1.00 0.00 ? 16 C   B "HO2'" 1 
ATOM   505 H "H1'"  . C   B 2 8 ? 3.569   -3.240 -11.941 1.00 0.00 ? 16 C   B "H1'"  1 
ATOM   506 H H41    . C   B 2 8 ? 2.115   -6.874 -6.832  1.00 0.00 ? 16 C   B H41    1 
ATOM   507 H H42    . C   B 2 8 ? 0.458   -6.987 -7.379  1.00 0.00 ? 16 C   B H42    1 
ATOM   508 H H5     . C   B 2 8 ? -0.276  -6.192 -9.572  1.00 0.00 ? 16 C   B H5     1 
ATOM   509 H H6     . C   B 2 8 ? 0.396   -5.049 -11.546 1.00 0.00 ? 16 C   B H6     1 
# 
